data_2CH4
#
_entry.id   2CH4
#
_cell.length_a   136.600
_cell.length_b   136.600
_cell.length_c   231.300
_cell.angle_alpha   90.00
_cell.angle_beta   90.00
_cell.angle_gamma   90.00
#
_symmetry.space_group_name_H-M   'P 41 21 2'
#
loop_
_entity.id
_entity.type
_entity.pdbx_description
1 polymer 'CHEMOTAXIS PROTEIN CHEA'
2 polymer 'CHEMOTAXIS PROTEIN CHEW'
3 non-polymer 'PHOSPHOAMINOPHOSPHONIC ACID-ADENYLATE ESTER'
4 water water
#
loop_
_entity_poly.entity_id
_entity_poly.type
_entity_poly.pdbx_seq_one_letter_code
_entity_poly.pdbx_strand_id
1 'polypeptide(L)'
;GSHMVPISFVFNRFPRMVRDLAKKMNKEVNFIMRGEDTELDRTFVEEIGEPLLHLLRNAIDHGIEPKEERIAKGKPPIGT
LILSARHEGNNVVIEVEDDGRGIDKEKIIRKAIEKGLIDESKAATLSDQEILNFLFVPGFSTKEKVSEVSGRGVGMDVVK
NVVESLNGSISIESEKDKGTKVTIRLPLTLAIIQALLVKVNNLVYAIPIANIDTILSISKEDIQRVQDRDVIVIRGEVIP
VYRLWEVLQIEHKEELEEMEAVIVRVGNRKYGIVVDDLLGQDDIVIKSLGKVFSEVKEFSGAAILGDGSIALIINVSGIV
;
A,B
2 'polypeptide(L)'
;MKTLADALKEFEVLSFEIDEQALAFDVDNIEMVIEKSDITPVPKSRHFVEGVINLRGRIIPVVNLAKILGISFDEQKMKS
IIVARTKDVEVGFLVDRVLGVLRITENQLDLTNVSDKFGKKSKGLVKTDGRLIIYLDIDKIIEEITVKEGV
;
W,Y
#
# COMPACT_ATOMS: atom_id res chain seq x y z
N GLY A 1 -11.45 -3.80 -4.16
CA GLY A 1 -10.88 -4.79 -3.20
C GLY A 1 -10.35 -4.16 -1.93
N SER A 2 -11.17 -4.16 -0.88
CA SER A 2 -10.81 -3.58 0.42
C SER A 2 -10.07 -2.26 0.18
N HIS A 3 -10.50 -1.56 -0.86
CA HIS A 3 -9.89 -0.30 -1.21
C HIS A 3 -10.39 0.75 -0.22
N MET A 4 -11.55 0.47 0.40
CA MET A 4 -12.18 1.37 1.35
C MET A 4 -11.45 1.55 2.67
N VAL A 5 -11.82 2.62 3.37
CA VAL A 5 -11.22 2.97 4.65
C VAL A 5 -12.20 3.79 5.50
N PRO A 6 -12.27 3.53 6.80
CA PRO A 6 -13.18 4.25 7.69
C PRO A 6 -12.93 5.73 7.58
N ILE A 7 -14.00 6.52 7.52
CA ILE A 7 -13.86 7.96 7.39
C ILE A 7 -13.22 8.62 8.61
N SER A 8 -12.95 7.84 9.65
CA SER A 8 -12.32 8.39 10.85
C SER A 8 -11.15 9.16 10.32
N PHE A 9 -10.39 8.45 9.50
CA PHE A 9 -9.17 8.94 8.88
C PHE A 9 -9.14 10.39 8.50
N VAL A 10 -10.28 10.91 8.08
CA VAL A 10 -10.33 12.31 7.73
C VAL A 10 -10.97 13.12 8.85
N PHE A 11 -11.96 12.54 9.52
CA PHE A 11 -12.69 13.21 10.60
C PHE A 11 -12.02 13.53 11.93
N ASN A 12 -10.85 12.97 12.22
CA ASN A 12 -10.30 13.25 13.53
C ASN A 12 -9.48 14.51 13.67
N ARG A 13 -9.06 15.08 12.55
CA ARG A 13 -8.29 16.30 12.64
C ARG A 13 -9.25 17.41 13.02
N PHE A 14 -10.52 17.19 12.73
CA PHE A 14 -11.56 18.19 12.98
C PHE A 14 -12.00 18.55 14.39
N PRO A 15 -12.51 17.58 15.15
CA PRO A 15 -12.95 17.91 16.50
C PRO A 15 -12.07 18.94 17.18
N ARG A 16 -10.81 18.99 16.78
CA ARG A 16 -9.86 19.95 17.33
C ARG A 16 -9.82 21.26 16.54
N MET A 17 -9.63 21.17 15.23
CA MET A 17 -9.62 22.39 14.42
C MET A 17 -10.90 23.16 14.66
N VAL A 18 -11.96 22.45 15.02
CA VAL A 18 -13.24 23.10 15.29
C VAL A 18 -13.10 23.89 16.57
N ARG A 19 -12.68 23.19 17.63
CA ARG A 19 -12.49 23.78 18.94
C ARG A 19 -11.66 25.05 18.87
N ASP A 20 -10.71 25.10 17.94
CA ASP A 20 -9.87 26.29 17.83
C ASP A 20 -10.52 27.40 17.02
N LEU A 21 -11.11 27.07 15.87
CA LEU A 21 -11.77 28.07 15.05
C LEU A 21 -12.85 28.77 15.85
N ALA A 22 -13.23 28.17 16.98
CA ALA A 22 -14.25 28.74 17.85
C ALA A 22 -13.63 29.91 18.60
N LYS A 23 -12.49 29.65 19.26
CA LYS A 23 -11.81 30.69 19.99
C LYS A 23 -11.54 31.91 19.09
N LYS A 24 -10.93 31.67 17.94
CA LYS A 24 -10.62 32.75 17.01
C LYS A 24 -11.88 33.48 16.52
N MET A 25 -12.99 33.31 17.25
CA MET A 25 -14.25 33.97 16.90
C MET A 25 -15.23 34.06 18.06
N ASN A 26 -14.80 33.57 19.22
CA ASN A 26 -15.59 33.60 20.44
C ASN A 26 -16.96 32.97 20.38
N LYS A 27 -17.22 32.18 19.34
CA LYS A 27 -18.51 31.52 19.25
C LYS A 27 -18.51 30.28 20.13
N GLU A 28 -19.64 29.97 20.76
CA GLU A 28 -19.70 28.77 21.58
C GLU A 28 -20.43 27.74 20.74
N VAL A 29 -19.71 26.70 20.36
CA VAL A 29 -20.22 25.65 19.49
C VAL A 29 -20.18 24.26 20.08
N ASN A 30 -21.27 23.51 19.95
CA ASN A 30 -21.29 22.13 20.42
C ASN A 30 -21.13 21.27 19.17
N PHE A 31 -19.88 20.99 18.81
CA PHE A 31 -19.60 20.20 17.62
C PHE A 31 -19.91 18.74 17.81
N ILE A 32 -20.61 18.16 16.84
CA ILE A 32 -20.93 16.74 16.89
C ILE A 32 -20.55 16.02 15.61
N MET A 33 -19.91 14.87 15.77
CA MET A 33 -19.51 14.06 14.63
C MET A 33 -20.24 12.77 14.87
N ARG A 34 -20.85 12.24 13.81
CA ARG A 34 -21.59 11.01 13.93
C ARG A 34 -21.34 10.22 12.64
N GLY A 35 -21.09 8.92 12.78
CA GLY A 35 -20.82 8.11 11.61
C GLY A 35 -19.35 8.21 11.28
N GLU A 36 -18.54 8.36 12.33
CA GLU A 36 -17.10 8.49 12.20
C GLU A 36 -16.45 7.17 11.89
N ASP A 37 -17.08 6.38 11.06
CA ASP A 37 -16.52 5.09 10.71
C ASP A 37 -17.11 4.67 9.39
N THR A 38 -17.93 5.54 8.81
CA THR A 38 -18.51 5.23 7.52
C THR A 38 -17.32 5.07 6.56
N GLU A 39 -17.13 3.89 6.03
CA GLU A 39 -16.00 3.69 5.12
C GLU A 39 -16.22 4.27 3.74
N LEU A 40 -15.20 4.97 3.24
CA LEU A 40 -15.26 5.55 1.91
C LEU A 40 -13.92 5.25 1.28
N ASP A 41 -13.87 5.22 -0.05
CA ASP A 41 -12.63 4.90 -0.76
C ASP A 41 -11.33 5.56 -0.30
N ARG A 42 -10.31 4.72 -0.13
CA ARG A 42 -8.98 5.14 0.31
C ARG A 42 -8.60 6.50 -0.25
N THR A 43 -8.94 6.72 -1.50
CA THR A 43 -8.64 7.96 -2.20
C THR A 43 -9.22 9.19 -1.52
N PHE A 44 -10.54 9.32 -1.62
CA PHE A 44 -11.27 10.43 -1.05
C PHE A 44 -10.68 11.09 0.18
N VAL A 45 -10.11 10.31 1.09
CA VAL A 45 -9.56 10.87 2.31
C VAL A 45 -8.62 12.06 2.16
N GLU A 46 -7.86 12.10 1.07
CA GLU A 46 -6.95 13.22 0.91
C GLU A 46 -7.60 14.42 0.23
N GLU A 47 -8.56 14.16 -0.65
CA GLU A 47 -9.23 15.23 -1.35
C GLU A 47 -10.43 15.78 -0.60
N ILE A 48 -11.30 14.88 -0.15
CA ILE A 48 -12.49 15.25 0.58
C ILE A 48 -12.16 16.10 1.79
N GLY A 49 -10.90 16.06 2.21
CA GLY A 49 -10.47 16.80 3.38
C GLY A 49 -10.61 18.31 3.46
N GLU A 50 -10.00 19.04 2.53
CA GLU A 50 -10.06 20.50 2.58
C GLU A 50 -11.47 21.03 2.40
N PRO A 51 -12.23 20.44 1.49
CA PRO A 51 -13.59 20.95 1.31
C PRO A 51 -14.38 20.89 2.63
N LEU A 52 -14.39 19.73 3.29
CA LEU A 52 -15.11 19.63 4.55
C LEU A 52 -14.62 20.67 5.52
N LEU A 53 -13.31 20.85 5.64
CA LEU A 53 -12.83 21.84 6.59
C LEU A 53 -13.40 23.20 6.23
N HIS A 54 -13.37 23.52 4.95
CA HIS A 54 -13.93 24.80 4.51
C HIS A 54 -15.37 24.92 5.06
N LEU A 55 -16.26 24.00 4.63
CA LEU A 55 -17.64 23.99 5.10
C LEU A 55 -17.62 24.16 6.60
N LEU A 56 -16.97 23.23 7.29
CA LEU A 56 -16.88 23.30 8.72
C LEU A 56 -16.62 24.73 9.17
N ARG A 57 -15.70 25.40 8.49
CA ARG A 57 -15.38 26.77 8.85
C ARG A 57 -16.59 27.68 8.71
N ASN A 58 -17.12 27.80 7.50
CA ASN A 58 -18.26 28.68 7.28
C ASN A 58 -19.25 28.62 8.40
N ALA A 59 -19.73 27.42 8.69
CA ALA A 59 -20.69 27.28 9.76
C ALA A 59 -20.25 28.08 10.97
N ILE A 60 -19.07 27.79 11.47
CA ILE A 60 -18.55 28.48 12.63
C ILE A 60 -18.30 29.95 12.36
N ASP A 61 -17.92 30.30 11.14
CA ASP A 61 -17.65 31.68 10.82
C ASP A 61 -18.93 32.45 10.63
N HIS A 62 -19.65 32.15 9.56
CA HIS A 62 -20.90 32.83 9.26
C HIS A 62 -22.13 32.21 9.92
N GLY A 63 -22.31 30.91 9.76
CA GLY A 63 -23.45 30.24 10.34
C GLY A 63 -23.71 30.59 11.79
N ILE A 64 -23.18 29.78 12.70
CA ILE A 64 -23.38 30.01 14.12
C ILE A 64 -23.37 31.50 14.39
N GLU A 65 -24.29 31.95 15.24
CA GLU A 65 -24.38 33.36 15.61
C GLU A 65 -23.86 33.62 17.03
N PRO A 66 -23.24 34.79 17.24
CA PRO A 66 -22.68 35.16 18.54
C PRO A 66 -23.72 35.14 19.66
N LYS A 67 -23.30 34.74 20.85
CA LYS A 67 -24.18 34.66 22.03
C LYS A 67 -25.36 35.63 22.00
N GLU A 68 -25.06 36.91 22.17
CA GLU A 68 -26.06 37.95 22.18
C GLU A 68 -27.10 37.73 21.08
N GLU A 69 -26.74 38.08 19.85
CA GLU A 69 -27.62 37.94 18.69
C GLU A 69 -28.37 36.62 18.71
N ARG A 70 -27.79 35.66 19.41
CA ARG A 70 -28.36 34.32 19.50
C ARG A 70 -29.47 34.22 20.53
N ILE A 71 -29.34 34.95 21.64
CA ILE A 71 -30.38 34.93 22.67
C ILE A 71 -31.53 35.79 22.17
N ALA A 72 -31.16 36.83 21.43
CA ALA A 72 -32.13 37.75 20.85
C ALA A 72 -33.14 37.02 19.96
N LYS A 73 -32.67 36.04 19.20
CA LYS A 73 -33.57 35.31 18.32
C LYS A 73 -34.24 34.12 19.02
N GLY A 74 -34.09 34.04 20.34
CA GLY A 74 -34.68 32.93 21.06
C GLY A 74 -34.14 31.57 20.64
N LYS A 75 -32.81 31.47 20.56
CA LYS A 75 -32.12 30.23 20.16
C LYS A 75 -31.12 29.93 21.27
N PRO A 76 -31.12 28.68 21.81
CA PRO A 76 -30.14 28.45 22.87
C PRO A 76 -28.78 29.05 22.50
N PRO A 77 -28.11 29.66 23.49
CA PRO A 77 -26.81 30.32 23.35
C PRO A 77 -25.78 29.50 22.57
N ILE A 78 -25.71 28.23 22.91
CA ILE A 78 -24.77 27.29 22.31
C ILE A 78 -25.20 26.76 20.95
N GLY A 79 -24.43 27.09 19.92
CA GLY A 79 -24.74 26.65 18.57
C GLY A 79 -24.48 25.17 18.34
N THR A 80 -24.84 24.67 17.17
CA THR A 80 -24.62 23.25 16.89
C THR A 80 -24.01 22.97 15.52
N LEU A 81 -22.88 22.28 15.54
CA LEU A 81 -22.17 21.92 14.33
C LEU A 81 -22.23 20.42 14.24
N ILE A 82 -22.64 19.90 13.10
CA ILE A 82 -22.72 18.45 12.96
C ILE A 82 -22.02 17.93 11.71
N LEU A 83 -21.06 17.04 11.92
CA LEU A 83 -20.34 16.43 10.83
C LEU A 83 -20.81 14.98 10.83
N SER A 84 -21.41 14.53 9.74
CA SER A 84 -21.87 13.16 9.73
C SER A 84 -21.48 12.53 8.43
N ALA A 85 -21.58 11.22 8.40
CA ALA A 85 -21.24 10.47 7.22
C ALA A 85 -22.09 9.23 7.29
N ARG A 86 -22.43 8.65 6.14
CA ARG A 86 -23.24 7.45 6.10
C ARG A 86 -23.28 6.98 4.66
N HIS A 87 -23.85 5.80 4.46
CA HIS A 87 -24.00 5.22 3.14
C HIS A 87 -25.47 5.30 2.84
N GLU A 88 -25.82 5.67 1.62
CA GLU A 88 -27.22 5.73 1.25
C GLU A 88 -27.37 5.30 -0.19
N GLY A 89 -27.24 4.00 -0.41
CA GLY A 89 -27.37 3.47 -1.74
C GLY A 89 -26.01 3.22 -2.36
N ASN A 90 -25.80 3.82 -3.52
CA ASN A 90 -24.54 3.66 -4.25
C ASN A 90 -23.59 4.79 -3.90
N ASN A 91 -23.88 5.49 -2.81
CA ASN A 91 -23.03 6.62 -2.42
C ASN A 91 -22.66 6.70 -0.97
N VAL A 92 -21.70 7.58 -0.69
CA VAL A 92 -21.26 7.86 0.65
C VAL A 92 -21.88 9.23 0.77
N VAL A 93 -22.32 9.61 1.96
CA VAL A 93 -22.92 10.93 2.13
C VAL A 93 -22.26 11.65 3.29
N ILE A 94 -21.79 12.86 3.05
CA ILE A 94 -21.17 13.58 4.13
C ILE A 94 -21.89 14.90 4.23
N GLU A 95 -22.36 15.24 5.43
CA GLU A 95 -23.10 16.47 5.63
C GLU A 95 -22.56 17.31 6.78
N VAL A 96 -22.52 18.62 6.57
CA VAL A 96 -22.07 19.57 7.59
C VAL A 96 -23.31 20.44 7.86
N GLU A 97 -23.83 20.34 9.09
CA GLU A 97 -25.05 21.02 9.49
C GLU A 97 -24.87 21.89 10.72
N ASP A 98 -25.61 22.99 10.75
CA ASP A 98 -25.55 23.95 11.84
C ASP A 98 -26.86 24.73 11.88
N ASP A 99 -27.09 25.42 12.99
CA ASP A 99 -28.28 26.24 13.17
C ASP A 99 -27.83 27.67 13.39
N GLY A 100 -27.46 28.33 12.31
CA GLY A 100 -27.01 29.70 12.37
C GLY A 100 -27.90 30.69 11.63
N ARG A 101 -27.30 31.81 11.22
CA ARG A 101 -28.04 32.84 10.53
C ARG A 101 -28.65 32.42 9.21
N GLY A 102 -28.56 31.15 8.87
CA GLY A 102 -29.16 30.69 7.62
C GLY A 102 -28.52 31.22 6.34
N ILE A 103 -29.23 31.09 5.22
CA ILE A 103 -28.67 31.54 3.96
C ILE A 103 -29.48 32.59 3.20
N ASP A 104 -30.68 32.88 3.66
CA ASP A 104 -31.57 33.87 3.03
C ASP A 104 -31.49 33.86 1.50
N LYS A 105 -32.28 32.97 0.92
CA LYS A 105 -32.31 32.81 -0.52
C LYS A 105 -32.74 34.08 -1.22
N GLU A 106 -33.65 34.82 -0.59
CA GLU A 106 -34.20 36.06 -1.17
C GLU A 106 -33.13 37.03 -1.68
N LYS A 107 -32.11 37.30 -0.87
CA LYS A 107 -31.06 38.21 -1.30
C LYS A 107 -30.05 37.53 -2.21
N ILE A 108 -29.89 36.21 -2.08
CA ILE A 108 -28.95 35.52 -2.96
C ILE A 108 -29.48 35.64 -4.38
N ILE A 109 -30.79 35.73 -4.52
CA ILE A 109 -31.39 35.87 -5.83
C ILE A 109 -31.07 37.26 -6.32
N ARG A 110 -31.34 38.25 -5.47
CA ARG A 110 -31.09 39.64 -5.82
C ARG A 110 -29.67 39.76 -6.34
N LYS A 111 -28.71 39.35 -5.51
CA LYS A 111 -27.30 39.41 -5.87
C LYS A 111 -27.17 38.73 -7.23
N ALA A 112 -27.81 37.58 -7.37
CA ALA A 112 -27.77 36.82 -8.60
C ALA A 112 -28.23 37.64 -9.82
N ILE A 113 -29.10 38.62 -9.59
CA ILE A 113 -29.61 39.45 -10.68
C ILE A 113 -28.71 40.63 -11.00
N GLU A 114 -28.38 41.42 -9.98
CA GLU A 114 -27.53 42.59 -10.13
C GLU A 114 -26.28 42.21 -10.89
N LYS A 115 -25.94 40.91 -10.89
CA LYS A 115 -24.77 40.43 -11.62
C LYS A 115 -25.23 39.88 -12.96
N GLY A 116 -26.33 40.47 -13.45
CA GLY A 116 -26.90 40.08 -14.73
C GLY A 116 -26.61 38.65 -15.11
N LEU A 117 -27.17 37.70 -14.35
CA LEU A 117 -26.99 36.28 -14.63
C LEU A 117 -28.33 35.61 -14.82
N ILE A 118 -29.36 36.19 -14.21
CA ILE A 118 -30.69 35.65 -14.29
C ILE A 118 -31.74 36.73 -14.56
N ASP A 119 -32.76 36.38 -15.33
CA ASP A 119 -33.84 37.30 -15.64
C ASP A 119 -34.70 37.31 -14.38
N GLU A 120 -35.52 38.34 -14.19
CA GLU A 120 -36.34 38.37 -12.98
C GLU A 120 -37.52 37.41 -12.99
N SER A 121 -38.17 37.25 -14.15
CA SER A 121 -39.30 36.34 -14.23
C SER A 121 -38.77 34.92 -14.18
N LYS A 122 -37.60 34.72 -14.76
CA LYS A 122 -36.96 33.41 -14.81
C LYS A 122 -36.61 32.91 -13.41
N ALA A 123 -36.15 33.82 -12.56
CA ALA A 123 -35.75 33.49 -11.19
C ALA A 123 -36.88 33.07 -10.27
N ALA A 124 -38.04 32.75 -10.85
CA ALA A 124 -39.18 32.33 -10.06
C ALA A 124 -39.38 30.83 -10.23
N THR A 125 -38.92 30.34 -11.37
CA THR A 125 -39.01 28.93 -11.70
C THR A 125 -37.94 28.13 -10.96
N LEU A 126 -37.28 28.81 -10.03
CA LEU A 126 -36.21 28.18 -9.25
C LEU A 126 -36.72 27.55 -7.97
N SER A 127 -35.99 26.53 -7.50
CA SER A 127 -36.32 25.86 -6.25
C SER A 127 -35.28 26.41 -5.31
N ASP A 128 -35.62 26.51 -4.04
CA ASP A 128 -34.67 27.04 -3.08
C ASP A 128 -33.27 26.51 -3.37
N GLN A 129 -33.16 25.22 -3.66
CA GLN A 129 -31.86 24.63 -3.95
C GLN A 129 -31.07 25.37 -5.03
N GLU A 130 -31.48 25.26 -6.28
CA GLU A 130 -30.78 25.93 -7.38
C GLU A 130 -30.47 27.40 -7.11
N ILE A 131 -31.35 28.03 -6.34
CA ILE A 131 -31.15 29.42 -5.98
C ILE A 131 -29.80 29.45 -5.31
N LEU A 132 -29.61 28.56 -4.36
CA LEU A 132 -28.38 28.45 -3.63
C LEU A 132 -27.19 27.99 -4.47
N ASN A 133 -27.44 27.24 -5.52
CA ASN A 133 -26.32 26.77 -6.35
C ASN A 133 -25.52 27.94 -6.84
N PHE A 134 -26.11 29.13 -6.80
CA PHE A 134 -25.42 30.33 -7.21
C PHE A 134 -24.22 30.45 -6.31
N LEU A 135 -24.44 30.18 -5.03
CA LEU A 135 -23.39 30.25 -4.05
C LEU A 135 -22.09 29.62 -4.59
N PHE A 136 -22.22 28.72 -5.56
CA PHE A 136 -21.04 28.07 -6.15
C PHE A 136 -20.44 28.91 -7.29
N VAL A 137 -21.28 29.27 -8.26
CA VAL A 137 -20.85 30.07 -9.41
C VAL A 137 -19.67 30.95 -9.09
N PRO A 138 -18.61 30.87 -9.89
CA PRO A 138 -17.39 31.66 -9.71
C PRO A 138 -17.59 33.13 -9.32
N GLY A 139 -16.75 33.59 -8.40
CA GLY A 139 -16.82 34.97 -7.96
C GLY A 139 -18.19 35.52 -7.64
N PHE A 140 -19.07 34.66 -7.14
CA PHE A 140 -20.42 35.08 -6.78
C PHE A 140 -20.36 35.58 -5.33
N SER A 141 -19.14 35.74 -4.84
CA SER A 141 -18.95 36.22 -3.48
C SER A 141 -17.87 37.30 -3.46
N THR A 142 -17.89 38.12 -4.51
CA THR A 142 -16.96 39.23 -4.67
C THR A 142 -15.65 39.15 -3.90
N LYS A 143 -15.72 39.34 -2.58
CA LYS A 143 -14.51 39.27 -1.78
C LYS A 143 -13.42 40.13 -2.39
N GLU A 144 -12.46 39.49 -3.05
CA GLU A 144 -11.37 40.22 -3.67
C GLU A 144 -10.32 39.29 -4.23
N LYS A 145 -10.34 38.04 -3.77
CA LYS A 145 -9.37 37.06 -4.23
C LYS A 145 -8.23 36.87 -3.24
N VAL A 146 -7.84 37.97 -2.60
CA VAL A 146 -6.75 37.98 -1.62
C VAL A 146 -6.60 36.82 -0.65
N SER A 147 -7.51 36.72 0.31
CA SER A 147 -7.45 35.62 1.28
C SER A 147 -7.10 34.34 0.55
N GLU A 148 -7.56 34.26 -0.70
CA GLU A 148 -7.30 33.12 -1.54
C GLU A 148 -6.00 33.30 -2.30
N VAL A 149 -5.78 34.49 -2.86
CA VAL A 149 -4.58 34.78 -3.61
C VAL A 149 -3.42 33.87 -3.27
N SER A 150 -3.23 33.64 -1.96
CA SER A 150 -2.16 32.77 -1.48
C SER A 150 -2.23 32.57 0.04
N GLY A 151 -3.28 33.10 0.66
CA GLY A 151 -3.46 33.01 2.11
C GLY A 151 -4.28 31.86 2.68
N ARG A 152 -5.11 32.16 3.68
CA ARG A 152 -5.94 31.17 4.38
C ARG A 152 -7.17 30.54 3.69
N GLY A 153 -7.13 30.40 2.37
CA GLY A 153 -8.24 29.79 1.62
C GLY A 153 -9.62 30.43 1.57
N VAL A 154 -10.23 30.46 0.37
CA VAL A 154 -11.58 31.03 0.15
C VAL A 154 -12.26 30.57 -1.16
N GLY A 155 -13.57 30.26 -1.07
CA GLY A 155 -14.34 29.83 -2.24
C GLY A 155 -15.06 28.47 -2.19
N MET A 156 -16.30 28.41 -2.64
CA MET A 156 -17.03 27.13 -2.66
C MET A 156 -16.96 26.56 -4.04
N ASP A 157 -16.99 27.44 -5.02
CA ASP A 157 -16.95 27.01 -6.41
C ASP A 157 -15.98 25.84 -6.52
N VAL A 158 -14.94 25.88 -5.69
CA VAL A 158 -13.94 24.84 -5.64
C VAL A 158 -14.52 23.61 -4.94
N VAL A 159 -14.98 23.80 -3.72
CA VAL A 159 -15.57 22.70 -2.97
C VAL A 159 -16.44 21.93 -3.93
N LYS A 160 -17.18 22.63 -4.78
CA LYS A 160 -18.03 21.93 -5.73
C LYS A 160 -17.11 21.22 -6.70
N ASN A 161 -16.27 22.00 -7.37
CA ASN A 161 -15.33 21.47 -8.33
C ASN A 161 -14.78 20.13 -7.83
N VAL A 162 -14.21 20.15 -6.64
CA VAL A 162 -13.66 18.96 -6.03
C VAL A 162 -14.65 17.80 -5.98
N VAL A 163 -15.74 17.94 -5.23
CA VAL A 163 -16.68 16.84 -5.14
C VAL A 163 -17.16 16.42 -6.53
N GLU A 164 -17.13 17.34 -7.47
CA GLU A 164 -17.57 16.99 -8.81
C GLU A 164 -16.47 16.22 -9.52
N SER A 165 -15.22 16.52 -9.19
CA SER A 165 -14.12 15.82 -9.82
C SER A 165 -14.13 14.38 -9.33
N LEU A 166 -14.67 14.18 -8.14
CA LEU A 166 -14.74 12.83 -7.59
C LEU A 166 -16.00 12.17 -8.09
N ASN A 167 -16.48 12.63 -9.23
CA ASN A 167 -17.68 12.05 -9.81
C ASN A 167 -18.84 12.11 -8.83
N GLY A 168 -18.76 13.04 -7.88
CA GLY A 168 -19.81 13.18 -6.87
C GLY A 168 -20.77 14.31 -7.14
N SER A 169 -21.21 14.99 -6.07
CA SER A 169 -22.15 16.10 -6.20
C SER A 169 -22.57 16.64 -4.85
N ILE A 170 -23.01 17.90 -4.81
CA ILE A 170 -23.45 18.47 -3.54
C ILE A 170 -24.60 19.45 -3.61
N SER A 171 -25.24 19.65 -2.47
CA SER A 171 -26.37 20.56 -2.38
C SER A 171 -26.31 21.33 -1.07
N ILE A 172 -27.06 22.43 -1.02
CA ILE A 172 -27.14 23.25 0.18
C ILE A 172 -28.60 23.24 0.54
N GLU A 173 -28.89 23.21 1.84
CA GLU A 173 -30.25 23.21 2.35
C GLU A 173 -30.23 24.23 3.46
N SER A 174 -30.88 25.38 3.27
CA SER A 174 -30.89 26.39 4.32
C SER A 174 -32.15 27.25 4.38
N GLU A 175 -32.42 27.77 5.59
CA GLU A 175 -33.57 28.63 5.85
C GLU A 175 -33.14 29.62 6.94
N LYS A 176 -33.29 30.92 6.67
CA LYS A 176 -32.86 31.93 7.62
C LYS A 176 -33.30 31.72 9.06
N ASP A 177 -32.33 31.72 9.96
CA ASP A 177 -32.57 31.53 11.38
C ASP A 177 -32.85 30.06 11.74
N LYS A 178 -32.48 29.17 10.84
CA LYS A 178 -32.70 27.76 11.08
C LYS A 178 -31.44 27.00 10.64
N GLY A 179 -30.33 27.72 10.55
CA GLY A 179 -29.07 27.12 10.14
C GLY A 179 -29.03 26.64 8.71
N THR A 180 -27.90 26.03 8.34
CA THR A 180 -27.70 25.50 6.99
C THR A 180 -27.18 24.10 7.11
N LYS A 181 -27.24 23.37 6.00
CA LYS A 181 -26.75 22.00 5.98
C LYS A 181 -26.28 21.63 4.57
N VAL A 182 -24.96 21.52 4.38
CA VAL A 182 -24.45 21.17 3.06
C VAL A 182 -24.38 19.64 2.97
N THR A 183 -24.67 19.10 1.79
CA THR A 183 -24.68 17.64 1.62
C THR A 183 -23.88 17.12 0.46
N ILE A 184 -22.73 16.53 0.74
CA ILE A 184 -21.89 15.95 -0.30
C ILE A 184 -22.11 14.46 -0.47
N ARG A 185 -22.37 14.02 -1.70
CA ARG A 185 -22.50 12.59 -1.91
C ARG A 185 -21.43 12.09 -2.92
N LEU A 186 -20.57 11.19 -2.47
CA LEU A 186 -19.51 10.62 -3.31
C LEU A 186 -19.91 9.18 -3.55
N PRO A 187 -19.46 8.59 -4.67
CA PRO A 187 -19.77 7.21 -5.05
C PRO A 187 -19.20 6.23 -4.06
N LEU A 188 -19.74 5.01 -4.05
CA LEU A 188 -19.29 4.01 -3.10
C LEU A 188 -18.39 2.97 -3.76
N THR A 189 -18.45 2.88 -5.09
CA THR A 189 -17.60 1.93 -5.82
C THR A 189 -17.01 2.60 -7.06
N LEU A 190 -15.69 2.65 -7.13
CA LEU A 190 -15.00 3.30 -8.23
C LEU A 190 -14.58 2.41 -9.40
N ALA A 191 -13.91 3.05 -10.36
CA ALA A 191 -13.40 2.37 -11.53
C ALA A 191 -12.03 1.81 -11.16
N ILE A 192 -12.02 0.84 -10.26
CA ILE A 192 -10.79 0.22 -9.79
C ILE A 192 -10.29 -0.81 -10.77
N ILE A 193 -9.00 -0.75 -11.07
CA ILE A 193 -8.37 -1.72 -11.97
C ILE A 193 -7.15 -2.27 -11.25
N GLN A 194 -6.83 -3.52 -11.56
CA GLN A 194 -5.65 -4.17 -10.96
C GLN A 194 -4.43 -4.05 -11.86
N ALA A 195 -3.34 -3.58 -11.32
CA ALA A 195 -2.16 -3.41 -12.14
C ALA A 195 -0.87 -3.79 -11.45
N LEU A 196 0.13 -4.07 -12.25
CA LEU A 196 1.41 -4.43 -11.70
C LEU A 196 2.17 -3.10 -11.69
N LEU A 197 2.69 -2.70 -10.53
CA LEU A 197 3.45 -1.46 -10.49
C LEU A 197 4.86 -1.86 -10.88
N VAL A 198 5.40 -1.17 -11.88
CA VAL A 198 6.71 -1.50 -12.39
C VAL A 198 7.63 -0.30 -12.38
N LYS A 199 8.91 -0.52 -12.11
CA LYS A 199 9.87 0.58 -12.04
C LYS A 199 10.85 0.73 -13.20
N VAL A 200 11.28 1.97 -13.41
CA VAL A 200 12.21 2.35 -14.45
C VAL A 200 12.92 3.58 -13.95
N ASN A 201 14.02 3.39 -13.23
CA ASN A 201 14.78 4.52 -12.72
C ASN A 201 14.01 5.40 -11.74
N ASN A 202 13.53 4.82 -10.66
CA ASN A 202 12.76 5.59 -9.67
C ASN A 202 11.59 6.39 -10.27
N LEU A 203 11.09 5.90 -11.39
CA LEU A 203 9.93 6.46 -12.07
C LEU A 203 9.01 5.26 -11.98
N VAL A 204 7.76 5.44 -11.57
CA VAL A 204 6.88 4.28 -11.46
C VAL A 204 5.80 4.26 -12.53
N TYR A 205 5.64 3.12 -13.16
CA TYR A 205 4.65 2.99 -14.21
C TYR A 205 3.75 1.83 -13.84
N ALA A 206 2.55 1.79 -14.40
CA ALA A 206 1.62 0.71 -14.07
C ALA A 206 1.05 0.01 -15.28
N ILE A 207 1.03 -1.31 -15.23
CA ILE A 207 0.52 -2.12 -16.32
C ILE A 207 -0.69 -2.91 -15.87
N PRO A 208 -1.83 -2.67 -16.48
CA PRO A 208 -3.07 -3.37 -16.14
C PRO A 208 -2.83 -4.86 -16.05
N ILE A 209 -3.18 -5.46 -14.93
CA ILE A 209 -2.99 -6.91 -14.78
C ILE A 209 -3.87 -7.58 -15.84
N ALA A 210 -4.93 -6.88 -16.23
CA ALA A 210 -5.88 -7.40 -17.19
C ALA A 210 -5.31 -7.68 -18.58
N ASN A 211 -4.04 -7.38 -18.78
CA ASN A 211 -3.42 -7.59 -20.08
C ASN A 211 -2.18 -8.44 -19.92
N ILE A 212 -1.59 -8.39 -18.74
CA ILE A 212 -0.40 -9.17 -18.47
C ILE A 212 -0.67 -10.64 -18.74
N ASP A 213 0.17 -11.22 -19.60
CA ASP A 213 0.09 -12.62 -20.02
C ASP A 213 0.90 -13.46 -19.04
N THR A 214 2.08 -12.96 -18.75
CA THR A 214 2.98 -13.57 -17.78
C THR A 214 4.19 -12.67 -17.65
N ILE A 215 4.80 -12.72 -16.47
CA ILE A 215 5.97 -11.90 -16.20
C ILE A 215 7.16 -12.84 -16.17
N LEU A 216 8.29 -12.36 -16.66
CA LEU A 216 9.49 -13.15 -16.68
C LEU A 216 10.61 -12.27 -16.17
N SER A 217 11.67 -12.89 -15.65
CA SER A 217 12.82 -12.13 -15.16
C SER A 217 14.01 -12.51 -16.01
N ILE A 218 14.34 -11.64 -16.96
CA ILE A 218 15.43 -11.86 -17.90
C ILE A 218 16.71 -11.10 -17.59
N SER A 219 17.70 -11.26 -18.47
CA SER A 219 18.99 -10.61 -18.33
C SER A 219 19.26 -9.74 -19.54
N LYS A 220 20.09 -8.72 -19.36
CA LYS A 220 20.40 -7.78 -20.44
C LYS A 220 21.02 -8.43 -21.67
N GLU A 221 20.92 -9.75 -21.75
CA GLU A 221 21.50 -10.46 -22.87
C GLU A 221 20.40 -11.16 -23.63
N ASP A 222 19.43 -11.69 -22.89
CA ASP A 222 18.29 -12.40 -23.49
C ASP A 222 17.59 -11.53 -24.55
N ILE A 223 17.87 -10.23 -24.53
CA ILE A 223 17.27 -9.33 -25.50
C ILE A 223 18.20 -9.31 -26.69
N GLN A 224 17.80 -9.93 -27.79
CA GLN A 224 18.66 -9.93 -28.97
C GLN A 224 18.07 -9.08 -30.07
N ARG A 225 18.91 -8.23 -30.65
CA ARG A 225 18.48 -7.34 -31.71
C ARG A 225 18.57 -8.04 -33.04
N VAL A 226 17.47 -8.03 -33.79
CA VAL A 226 17.47 -8.63 -35.11
C VAL A 226 17.97 -7.59 -36.06
N GLN A 227 17.12 -7.15 -36.97
CA GLN A 227 17.54 -6.13 -37.92
C GLN A 227 17.36 -4.84 -37.17
N ASP A 228 16.11 -4.54 -36.89
CA ASP A 228 15.82 -3.35 -36.12
C ASP A 228 15.28 -3.79 -34.76
N ARG A 229 14.13 -4.45 -34.82
CA ARG A 229 13.43 -4.98 -33.66
C ARG A 229 14.34 -5.70 -32.65
N ASP A 230 13.84 -5.82 -31.43
CA ASP A 230 14.52 -6.48 -30.33
C ASP A 230 13.55 -7.55 -29.90
N VAL A 231 13.99 -8.79 -29.84
CA VAL A 231 13.07 -9.84 -29.41
C VAL A 231 13.72 -10.76 -28.41
N ILE A 232 12.89 -11.65 -27.89
CA ILE A 232 13.34 -12.66 -26.96
C ILE A 232 12.58 -13.88 -27.40
N VAL A 233 13.03 -15.02 -26.91
CA VAL A 233 12.40 -16.29 -27.23
C VAL A 233 12.08 -16.99 -25.93
N ILE A 234 10.93 -17.65 -25.89
CA ILE A 234 10.50 -18.35 -24.70
C ILE A 234 9.96 -19.72 -25.05
N ARG A 235 10.75 -20.75 -24.75
CA ARG A 235 10.34 -22.11 -25.04
C ARG A 235 9.87 -22.13 -26.49
N GLY A 236 10.74 -21.63 -27.37
CA GLY A 236 10.41 -21.57 -28.79
C GLY A 236 9.96 -20.19 -29.21
N GLU A 237 8.64 -19.99 -29.29
CA GLU A 237 8.05 -18.72 -29.68
C GLU A 237 8.94 -17.50 -29.50
N VAL A 238 9.05 -16.70 -30.55
CA VAL A 238 9.82 -15.46 -30.47
C VAL A 238 8.76 -14.45 -30.09
N ILE A 239 9.09 -13.63 -29.10
CA ILE A 239 8.18 -12.60 -28.62
C ILE A 239 8.91 -11.27 -28.69
N PRO A 240 8.37 -10.35 -29.48
CA PRO A 240 8.97 -9.03 -29.63
C PRO A 240 8.92 -8.28 -28.31
N VAL A 241 9.97 -7.56 -27.99
CA VAL A 241 9.96 -6.85 -26.72
C VAL A 241 10.52 -5.47 -26.81
N TYR A 242 9.89 -4.57 -26.06
CA TYR A 242 10.29 -3.18 -26.01
C TYR A 242 10.90 -2.78 -24.69
N ARG A 243 12.01 -2.06 -24.76
CA ARG A 243 12.71 -1.57 -23.58
C ARG A 243 11.99 -0.29 -23.16
N LEU A 244 11.24 -0.32 -22.06
CA LEU A 244 10.47 0.85 -21.66
C LEU A 244 11.21 2.20 -21.69
N TRP A 245 12.43 2.29 -21.15
CA TRP A 245 13.11 3.59 -21.20
C TRP A 245 13.16 4.13 -22.62
N GLU A 246 13.66 3.31 -23.54
CA GLU A 246 13.74 3.70 -24.95
C GLU A 246 12.37 4.08 -25.52
N VAL A 247 11.31 3.34 -25.16
CA VAL A 247 9.98 3.63 -25.68
C VAL A 247 9.53 5.00 -25.23
N LEU A 248 10.12 5.51 -24.16
CA LEU A 248 9.74 6.79 -23.62
C LEU A 248 10.94 7.72 -23.58
N GLN A 249 12.01 7.30 -24.22
CA GLN A 249 13.24 8.10 -24.23
C GLN A 249 13.42 8.71 -22.86
N ILE A 250 13.88 7.89 -21.95
CA ILE A 250 14.07 8.30 -20.59
C ILE A 250 15.53 8.17 -20.18
N GLU A 251 16.17 9.29 -19.84
CA GLU A 251 17.55 9.30 -19.37
C GLU A 251 17.69 8.05 -18.49
N HIS A 252 18.57 7.14 -18.88
CA HIS A 252 18.71 5.91 -18.10
C HIS A 252 20.18 5.59 -17.91
N LYS A 253 20.53 5.10 -16.72
CA LYS A 253 21.91 4.74 -16.40
C LYS A 253 22.44 4.09 -17.66
N GLU A 254 22.05 2.84 -17.77
CA GLU A 254 22.37 2.02 -18.91
C GLU A 254 21.44 0.85 -18.77
N GLU A 255 21.65 0.00 -17.77
CA GLU A 255 20.84 -1.16 -17.53
C GLU A 255 21.60 -2.14 -16.62
N LEU A 256 20.85 -2.72 -15.71
CA LEU A 256 21.56 -3.61 -14.83
C LEU A 256 21.69 -4.83 -15.68
N GLU A 257 22.17 -5.77 -14.93
CA GLU A 257 22.36 -7.10 -15.45
C GLU A 257 21.00 -7.83 -15.55
N GLU A 258 20.29 -7.82 -14.42
CA GLU A 258 19.01 -8.47 -14.26
C GLU A 258 17.85 -7.50 -14.46
N MET A 259 16.78 -8.03 -15.04
CA MET A 259 15.55 -7.24 -15.29
C MET A 259 14.28 -8.05 -15.24
N GLU A 260 13.21 -7.43 -15.75
CA GLU A 260 11.91 -8.07 -15.80
C GLU A 260 11.22 -7.77 -17.11
N ALA A 261 10.52 -8.76 -17.63
CA ALA A 261 9.83 -8.56 -18.89
C ALA A 261 8.37 -8.94 -18.77
N VAL A 262 7.53 -7.93 -18.83
CA VAL A 262 6.09 -8.10 -18.72
C VAL A 262 5.58 -8.40 -20.11
N ILE A 263 4.90 -9.52 -20.25
CA ILE A 263 4.37 -9.94 -21.53
C ILE A 263 2.86 -9.71 -21.53
N VAL A 264 2.39 -8.74 -22.33
CA VAL A 264 0.97 -8.36 -22.42
C VAL A 264 0.32 -8.64 -23.76
N ARG A 265 -1.00 -8.79 -23.74
CA ARG A 265 -1.75 -9.05 -24.97
C ARG A 265 -2.80 -8.00 -25.33
N VAL A 266 -2.87 -7.67 -26.62
CA VAL A 266 -3.81 -6.68 -27.12
C VAL A 266 -4.47 -7.24 -28.37
N GLY A 267 -5.75 -7.52 -28.25
CA GLY A 267 -6.42 -8.08 -29.41
C GLY A 267 -5.80 -9.40 -29.82
N ASN A 268 -5.28 -9.48 -31.04
CA ASN A 268 -4.67 -10.72 -31.51
C ASN A 268 -3.15 -10.84 -31.31
N ARG A 269 -2.47 -9.74 -30.99
CA ARG A 269 -1.01 -9.82 -30.84
C ARG A 269 -0.51 -9.68 -29.41
N LYS A 270 0.66 -10.24 -29.13
CA LYS A 270 1.25 -10.16 -27.79
C LYS A 270 2.70 -9.76 -27.87
N TYR A 271 3.17 -9.06 -26.85
CA TYR A 271 4.56 -8.61 -26.82
C TYR A 271 4.98 -8.36 -25.39
N GLY A 272 6.15 -7.79 -25.21
CA GLY A 272 6.62 -7.57 -23.85
C GLY A 272 7.30 -6.26 -23.56
N ILE A 273 7.06 -5.76 -22.35
CA ILE A 273 7.66 -4.53 -21.89
C ILE A 273 8.76 -5.00 -20.95
N VAL A 274 9.95 -4.46 -21.14
CA VAL A 274 11.12 -4.78 -20.31
C VAL A 274 11.31 -3.62 -19.33
N VAL A 275 11.50 -3.95 -18.05
CA VAL A 275 11.68 -2.91 -17.03
C VAL A 275 12.83 -3.22 -16.07
N ASP A 276 13.14 -2.26 -15.21
CA ASP A 276 14.21 -2.45 -14.25
C ASP A 276 13.84 -3.36 -13.09
N ASP A 277 12.69 -3.11 -12.48
CA ASP A 277 12.28 -3.90 -11.34
C ASP A 277 10.78 -3.93 -11.21
N LEU A 278 10.29 -4.97 -10.55
CA LEU A 278 8.87 -5.11 -10.28
C LEU A 278 8.66 -4.40 -8.94
N LEU A 279 7.45 -3.93 -8.69
CA LEU A 279 7.17 -3.23 -7.46
C LEU A 279 6.10 -3.95 -6.67
N GLY A 280 5.20 -4.58 -7.41
CA GLY A 280 4.12 -5.31 -6.78
C GLY A 280 2.82 -5.10 -7.52
N GLN A 281 1.80 -5.82 -7.08
CA GLN A 281 0.49 -5.72 -7.68
C GLN A 281 -0.25 -4.76 -6.77
N ASP A 282 -1.37 -4.22 -7.26
CA ASP A 282 -2.17 -3.26 -6.51
C ASP A 282 -3.46 -2.91 -7.27
N ASP A 283 -4.37 -2.25 -6.58
CA ASP A 283 -5.62 -1.81 -7.20
C ASP A 283 -5.46 -0.32 -7.23
N ILE A 284 -5.52 0.28 -8.42
CA ILE A 284 -5.36 1.72 -8.51
C ILE A 284 -6.57 2.31 -9.17
N VAL A 285 -6.79 3.60 -8.96
CA VAL A 285 -7.92 4.24 -9.58
C VAL A 285 -7.33 5.04 -10.70
N ILE A 286 -7.85 4.84 -11.90
CA ILE A 286 -7.34 5.54 -13.06
C ILE A 286 -7.86 6.95 -13.14
N LYS A 287 -6.95 7.90 -12.96
CA LYS A 287 -7.31 9.30 -13.07
C LYS A 287 -6.63 9.93 -14.31
N SER A 288 -7.43 10.53 -15.19
CA SER A 288 -6.90 11.12 -16.40
C SER A 288 -5.99 12.29 -16.16
N LEU A 289 -5.07 12.53 -17.08
CA LEU A 289 -4.16 13.65 -16.86
C LEU A 289 -4.31 14.80 -17.83
N GLY A 290 -5.23 15.69 -17.46
CA GLY A 290 -5.50 16.90 -18.20
C GLY A 290 -5.55 16.84 -19.71
N LYS A 291 -5.61 18.04 -20.30
CA LYS A 291 -5.65 18.22 -21.73
C LYS A 291 -4.25 18.53 -22.20
N VAL A 292 -3.42 18.99 -21.29
CA VAL A 292 -2.03 19.29 -21.61
C VAL A 292 -1.32 17.99 -22.02
N PHE A 293 -2.04 16.89 -21.90
CA PHE A 293 -1.49 15.58 -22.21
C PHE A 293 -2.35 14.69 -23.07
N SER A 294 -3.56 15.13 -23.40
CA SER A 294 -4.45 14.30 -24.21
C SER A 294 -3.68 13.51 -25.26
N GLU A 295 -2.89 14.23 -26.03
CA GLU A 295 -2.09 13.65 -27.09
C GLU A 295 -1.28 12.41 -26.75
N VAL A 296 -0.66 12.36 -25.57
CA VAL A 296 0.16 11.20 -25.21
C VAL A 296 -0.63 9.90 -25.20
N LYS A 297 -0.26 9.01 -26.13
CA LYS A 297 -0.90 7.71 -26.33
C LYS A 297 -0.40 6.63 -25.40
N GLU A 298 0.92 6.66 -25.15
CA GLU A 298 1.59 5.68 -24.31
C GLU A 298 0.93 5.48 -22.96
N PHE A 299 0.40 6.57 -22.41
CA PHE A 299 -0.23 6.53 -21.11
C PHE A 299 -1.72 6.68 -21.21
N SER A 300 -2.46 5.91 -20.43
CA SER A 300 -3.91 6.01 -20.46
C SER A 300 -4.47 6.65 -19.21
N GLY A 301 -3.61 7.35 -18.47
CA GLY A 301 -4.02 8.00 -17.24
C GLY A 301 -2.91 7.92 -16.22
N ALA A 302 -3.16 8.38 -15.01
CA ALA A 302 -2.14 8.32 -13.98
C ALA A 302 -2.83 7.89 -12.72
N ALA A 303 -2.06 7.61 -11.67
CA ALA A 303 -2.67 7.19 -10.41
C ALA A 303 -1.80 7.64 -9.27
N ILE A 304 -2.43 7.75 -8.11
CA ILE A 304 -1.74 8.21 -6.91
C ILE A 304 -1.50 7.09 -5.95
N LEU A 305 -0.30 6.53 -6.02
CA LEU A 305 0.09 5.46 -5.14
C LEU A 305 0.00 5.92 -3.69
N GLY A 306 -0.41 5.01 -2.82
CA GLY A 306 -0.53 5.33 -1.41
C GLY A 306 0.45 6.37 -0.90
N ASP A 307 1.74 6.08 -0.96
CA ASP A 307 2.76 7.01 -0.49
C ASP A 307 2.64 8.42 -1.10
N GLY A 308 1.72 8.59 -2.03
CA GLY A 308 1.50 9.89 -2.61
C GLY A 308 2.25 10.24 -3.88
N SER A 309 3.10 9.32 -4.35
CA SER A 309 3.86 9.55 -5.59
C SER A 309 2.99 9.09 -6.73
N ILE A 310 3.10 9.77 -7.87
CA ILE A 310 2.28 9.41 -9.01
C ILE A 310 2.90 8.28 -9.77
N ALA A 311 2.04 7.54 -10.48
CA ALA A 311 2.50 6.42 -11.31
C ALA A 311 1.73 6.45 -12.62
N LEU A 312 2.40 6.76 -13.72
CA LEU A 312 1.72 6.82 -15.01
C LEU A 312 1.23 5.43 -15.42
N ILE A 313 0.01 5.36 -15.92
CA ILE A 313 -0.57 4.08 -16.34
C ILE A 313 -0.41 3.76 -17.81
N ILE A 314 0.40 2.73 -18.08
CA ILE A 314 0.72 2.25 -19.42
C ILE A 314 -0.47 1.79 -20.24
N ASN A 315 -0.49 2.18 -21.52
CA ASN A 315 -1.59 1.77 -22.39
C ASN A 315 -1.11 0.71 -23.37
N VAL A 316 -1.15 -0.54 -22.95
CA VAL A 316 -0.73 -1.68 -23.77
C VAL A 316 -0.78 -1.41 -25.27
N SER A 317 -1.95 -1.03 -25.76
CA SER A 317 -2.16 -0.76 -27.18
C SER A 317 -1.58 0.56 -27.63
N GLY A 318 -1.33 1.45 -26.69
CA GLY A 318 -0.78 2.76 -27.03
C GLY A 318 0.70 2.77 -27.34
N ILE A 319 1.42 1.82 -26.76
CA ILE A 319 2.85 1.71 -27.00
C ILE A 319 2.97 1.31 -28.47
N VAL A 320 4.18 1.32 -29.01
CA VAL A 320 4.37 0.93 -30.41
C VAL A 320 3.68 -0.40 -30.71
N SER B 2 16.26 -12.10 -10.77
CA SER B 2 15.59 -10.94 -10.12
C SER B 2 14.33 -11.30 -9.33
N HIS B 3 13.17 -11.35 -10.00
CA HIS B 3 11.93 -11.58 -9.28
C HIS B 3 11.02 -12.78 -9.47
N MET B 4 10.75 -13.18 -10.71
CA MET B 4 9.85 -14.31 -10.91
C MET B 4 10.61 -15.62 -11.14
N VAL B 5 9.95 -16.73 -10.82
CA VAL B 5 10.55 -18.03 -10.98
C VAL B 5 9.49 -19.01 -11.45
N PRO B 6 9.76 -19.72 -12.55
CA PRO B 6 8.82 -20.70 -13.10
C PRO B 6 8.27 -21.51 -11.95
N ILE B 7 7.01 -21.90 -12.02
CA ILE B 7 6.49 -22.64 -10.89
C ILE B 7 7.22 -23.97 -10.72
N SER B 8 7.82 -24.47 -11.79
CA SER B 8 8.55 -25.74 -11.73
C SER B 8 9.31 -25.88 -10.42
N PHE B 9 10.20 -24.93 -10.15
CA PHE B 9 11.01 -24.90 -8.94
C PHE B 9 10.43 -25.56 -7.71
N VAL B 10 9.12 -25.46 -7.54
CA VAL B 10 8.49 -26.04 -6.37
C VAL B 10 8.25 -27.55 -6.44
N PHE B 11 7.64 -28.04 -7.52
CA PHE B 11 7.34 -29.47 -7.63
C PHE B 11 8.47 -30.49 -7.80
N ASN B 12 9.63 -30.07 -8.28
CA ASN B 12 10.72 -31.02 -8.47
C ASN B 12 10.87 -32.00 -7.34
N ARG B 13 10.92 -31.50 -6.11
CA ARG B 13 11.07 -32.32 -4.92
C ARG B 13 9.82 -33.09 -4.49
N PHE B 14 8.70 -32.89 -5.19
CA PHE B 14 7.45 -33.57 -4.84
C PHE B 14 7.30 -35.02 -5.30
N PRO B 15 7.44 -35.28 -6.62
CA PRO B 15 7.30 -36.65 -7.14
C PRO B 15 8.18 -37.65 -6.39
N ARG B 16 9.17 -37.14 -5.67
CA ARG B 16 10.07 -37.98 -4.89
C ARG B 16 9.33 -38.42 -3.64
N MET B 17 9.03 -37.46 -2.77
CA MET B 17 8.32 -37.76 -1.53
C MET B 17 6.97 -38.44 -1.76
N VAL B 18 6.46 -38.35 -2.98
CA VAL B 18 5.18 -38.97 -3.31
C VAL B 18 5.38 -40.49 -3.34
N ARG B 19 6.65 -40.90 -3.49
CA ARG B 19 6.98 -42.32 -3.53
C ARG B 19 7.19 -42.83 -2.10
N ASP B 20 7.90 -42.04 -1.30
CA ASP B 20 8.19 -42.41 0.09
C ASP B 20 6.93 -42.63 0.93
N LEU B 21 6.07 -41.62 1.00
CA LEU B 21 4.86 -41.71 1.78
C LEU B 21 3.93 -42.83 1.30
N ALA B 22 4.01 -43.14 0.01
CA ALA B 22 3.17 -44.19 -0.57
C ALA B 22 3.59 -45.57 -0.07
N LYS B 23 4.76 -45.65 0.56
CA LYS B 23 5.28 -46.91 1.07
C LYS B 23 5.11 -47.06 2.58
N LYS B 24 4.30 -46.18 3.18
CA LYS B 24 4.06 -46.26 4.62
C LYS B 24 2.55 -46.28 4.85
N MET B 25 1.85 -45.29 4.31
CA MET B 25 0.40 -45.23 4.43
C MET B 25 -0.17 -46.41 3.65
N ASN B 26 0.75 -47.21 3.10
CA ASN B 26 0.42 -48.41 2.32
C ASN B 26 -0.68 -48.19 1.30
N LYS B 27 -0.36 -47.47 0.22
CA LYS B 27 -1.32 -47.20 -0.83
C LYS B 27 -0.61 -47.01 -2.16
N GLU B 28 -1.31 -47.30 -3.25
CA GLU B 28 -0.76 -47.15 -4.60
C GLU B 28 -1.36 -45.89 -5.22
N VAL B 29 -0.50 -44.93 -5.56
CA VAL B 29 -0.97 -43.68 -6.14
C VAL B 29 -0.41 -43.30 -7.50
N ASN B 30 -1.31 -43.00 -8.43
CA ASN B 30 -0.97 -42.57 -9.77
C ASN B 30 -1.21 -41.06 -9.74
N PHE B 31 -0.13 -40.28 -9.84
CA PHE B 31 -0.30 -38.82 -9.76
C PHE B 31 0.19 -38.03 -10.97
N ILE B 32 -0.58 -37.01 -11.33
CA ILE B 32 -0.28 -36.13 -12.44
C ILE B 32 0.26 -34.78 -11.96
N MET B 33 1.22 -34.24 -12.70
CA MET B 33 1.84 -32.96 -12.38
C MET B 33 1.94 -32.21 -13.71
N ARG B 34 0.90 -31.44 -14.01
CA ARG B 34 0.83 -30.70 -15.27
C ARG B 34 0.99 -29.19 -15.16
N GLY B 35 1.56 -28.60 -16.22
CA GLY B 35 1.77 -27.17 -16.25
C GLY B 35 2.67 -26.64 -15.16
N GLU B 36 3.78 -27.32 -14.91
CA GLU B 36 4.71 -26.91 -13.88
C GLU B 36 5.71 -25.85 -14.33
N ASP B 37 5.24 -24.96 -15.20
CA ASP B 37 6.06 -23.87 -15.69
C ASP B 37 5.15 -22.68 -15.93
N THR B 38 4.61 -22.16 -14.83
CA THR B 38 3.73 -21.01 -14.88
C THR B 38 4.56 -19.89 -14.27
N GLU B 39 3.94 -18.94 -13.59
CA GLU B 39 4.74 -17.85 -13.05
C GLU B 39 4.24 -17.22 -11.76
N LEU B 40 4.88 -17.55 -10.65
CA LEU B 40 4.52 -16.98 -9.35
C LEU B 40 5.78 -16.39 -8.72
N ASP B 41 5.60 -15.44 -7.81
CA ASP B 41 6.72 -14.78 -7.14
C ASP B 41 7.50 -15.82 -6.35
N ARG B 42 8.83 -15.70 -6.38
CA ARG B 42 9.66 -16.65 -5.66
C ARG B 42 9.51 -16.53 -4.14
N THR B 43 8.71 -15.57 -3.70
CA THR B 43 8.48 -15.44 -2.28
C THR B 43 7.37 -16.45 -2.08
N PHE B 44 6.53 -16.57 -3.10
CA PHE B 44 5.41 -17.50 -3.08
C PHE B 44 5.92 -18.94 -3.12
N VAL B 45 7.12 -19.16 -3.64
CA VAL B 45 7.62 -20.53 -3.70
C VAL B 45 8.04 -21.03 -2.32
N GLU B 46 8.63 -20.16 -1.51
CA GLU B 46 9.04 -20.56 -0.17
C GLU B 46 7.84 -20.93 0.69
N GLU B 47 6.75 -20.18 0.55
CA GLU B 47 5.56 -20.44 1.36
C GLU B 47 4.60 -21.47 0.80
N ILE B 48 4.52 -21.59 -0.51
CA ILE B 48 3.58 -22.53 -1.09
C ILE B 48 4.10 -23.97 -1.14
N GLY B 49 5.13 -24.26 -0.35
CA GLY B 49 5.69 -25.60 -0.31
C GLY B 49 5.06 -26.46 0.77
N GLU B 50 5.15 -26.00 2.01
CA GLU B 50 4.57 -26.71 3.13
C GLU B 50 3.09 -26.94 2.86
N PRO B 51 2.31 -25.87 2.70
CA PRO B 51 0.87 -25.99 2.44
C PRO B 51 0.54 -26.92 1.27
N LEU B 52 1.33 -26.85 0.21
CA LEU B 52 1.09 -27.69 -0.96
C LEU B 52 1.42 -29.16 -0.67
N LEU B 53 2.56 -29.41 -0.05
CA LEU B 53 2.94 -30.78 0.29
C LEU B 53 1.91 -31.33 1.26
N HIS B 54 1.44 -30.46 2.14
CA HIS B 54 0.45 -30.81 3.14
C HIS B 54 -0.89 -31.17 2.48
N LEU B 55 -1.26 -30.46 1.42
CA LEU B 55 -2.50 -30.72 0.71
C LEU B 55 -2.44 -32.06 0.01
N LEU B 56 -1.22 -32.60 -0.09
CA LEU B 56 -1.00 -33.87 -0.73
C LEU B 56 -1.33 -34.98 0.26
N ARG B 57 -0.76 -34.88 1.46
CA ARG B 57 -1.01 -35.88 2.49
C ARG B 57 -2.50 -35.98 2.77
N ASN B 58 -3.07 -34.90 3.29
CA ASN B 58 -4.49 -34.88 3.61
C ASN B 58 -5.34 -35.48 2.51
N ALA B 59 -4.91 -35.32 1.26
CA ALA B 59 -5.66 -35.87 0.12
C ALA B 59 -5.75 -37.39 0.23
N ILE B 60 -4.68 -37.99 0.74
CA ILE B 60 -4.59 -39.44 0.90
C ILE B 60 -5.24 -39.95 2.20
N ASP B 61 -4.71 -39.52 3.35
CA ASP B 61 -5.22 -39.93 4.65
C ASP B 61 -6.70 -40.23 4.66
N HIS B 62 -7.50 -39.27 5.10
CA HIS B 62 -8.94 -39.48 5.15
C HIS B 62 -9.48 -39.33 3.74
N GLY B 63 -8.61 -39.46 2.74
CA GLY B 63 -9.02 -39.32 1.36
C GLY B 63 -8.83 -40.60 0.54
N ILE B 64 -7.69 -40.72 -0.12
CA ILE B 64 -7.40 -41.91 -0.92
C ILE B 64 -7.49 -43.14 -0.01
N GLU B 65 -8.36 -44.08 -0.38
CA GLU B 65 -8.57 -45.29 0.41
C GLU B 65 -7.62 -46.41 -0.01
N PRO B 66 -7.32 -47.35 0.91
CA PRO B 66 -6.43 -48.47 0.62
C PRO B 66 -6.99 -49.33 -0.52
N LYS B 67 -6.13 -50.13 -1.13
CA LYS B 67 -6.54 -51.00 -2.23
C LYS B 67 -7.82 -51.78 -1.97
N GLU B 68 -7.89 -52.43 -0.81
CA GLU B 68 -9.05 -53.23 -0.45
C GLU B 68 -10.34 -52.44 -0.24
N GLU B 69 -10.21 -51.18 0.16
CA GLU B 69 -11.39 -50.35 0.39
C GLU B 69 -11.93 -49.75 -0.90
N ARG B 70 -11.04 -49.45 -1.83
CA ARG B 70 -11.46 -48.89 -3.11
C ARG B 70 -12.14 -49.94 -3.97
N ILE B 71 -11.55 -51.13 -4.04
CA ILE B 71 -12.13 -52.21 -4.83
C ILE B 71 -13.55 -52.51 -4.37
N ALA B 72 -13.75 -52.54 -3.06
CA ALA B 72 -15.06 -52.82 -2.48
C ALA B 72 -16.07 -51.71 -2.78
N LYS B 73 -15.57 -50.56 -3.21
CA LYS B 73 -16.42 -49.42 -3.53
C LYS B 73 -16.75 -49.39 -5.03
N GLY B 74 -16.01 -50.17 -5.81
CA GLY B 74 -16.25 -50.22 -7.24
C GLY B 74 -15.41 -49.22 -8.03
N LYS B 75 -14.28 -48.82 -7.43
CA LYS B 75 -13.37 -47.86 -8.04
C LYS B 75 -12.04 -48.54 -8.35
N PRO B 76 -11.23 -47.93 -9.24
CA PRO B 76 -9.92 -48.51 -9.60
C PRO B 76 -9.04 -48.67 -8.35
N PRO B 77 -8.36 -49.81 -8.23
CA PRO B 77 -7.48 -50.10 -7.08
C PRO B 77 -6.51 -48.96 -6.76
N ILE B 78 -6.02 -48.29 -7.78
CA ILE B 78 -5.09 -47.18 -7.60
C ILE B 78 -5.80 -45.83 -7.69
N GLY B 79 -5.54 -44.98 -6.70
CA GLY B 79 -6.16 -43.67 -6.68
C GLY B 79 -5.41 -42.73 -7.60
N THR B 80 -6.00 -41.55 -7.86
CA THR B 80 -5.38 -40.56 -8.72
C THR B 80 -5.10 -39.24 -7.99
N LEU B 81 -4.00 -38.58 -8.36
CA LEU B 81 -3.61 -37.32 -7.72
C LEU B 81 -3.07 -36.33 -8.76
N ILE B 82 -3.82 -35.25 -9.01
CA ILE B 82 -3.41 -34.21 -9.97
C ILE B 82 -2.96 -32.91 -9.30
N LEU B 83 -1.95 -32.27 -9.89
CA LEU B 83 -1.42 -31.02 -9.36
C LEU B 83 -1.43 -29.92 -10.43
N SER B 84 -2.54 -29.20 -10.53
CA SER B 84 -2.69 -28.13 -11.51
C SER B 84 -1.90 -26.87 -11.13
N ALA B 85 -1.76 -25.96 -12.09
CA ALA B 85 -1.04 -24.71 -11.88
C ALA B 85 -1.10 -23.93 -13.19
N ARG B 86 -2.10 -23.07 -13.32
CA ARG B 86 -2.27 -22.30 -14.54
C ARG B 86 -2.50 -20.82 -14.30
N HIS B 87 -2.80 -20.11 -15.38
CA HIS B 87 -3.06 -18.68 -15.35
C HIS B 87 -4.53 -18.45 -15.65
N GLU B 88 -5.38 -18.58 -14.64
CA GLU B 88 -6.81 -18.39 -14.82
C GLU B 88 -7.22 -16.98 -14.42
N GLY B 89 -7.58 -16.18 -15.42
CA GLY B 89 -8.01 -14.81 -15.17
C GLY B 89 -6.86 -13.89 -14.84
N ASN B 90 -6.85 -13.38 -13.62
CA ASN B 90 -5.82 -12.46 -13.16
C ASN B 90 -4.92 -13.13 -12.13
N ASN B 91 -5.43 -14.20 -11.53
CA ASN B 91 -4.69 -14.92 -10.50
C ASN B 91 -3.96 -16.14 -11.05
N VAL B 92 -3.06 -16.67 -10.24
CA VAL B 92 -2.31 -17.87 -10.57
C VAL B 92 -3.10 -18.91 -9.79
N VAL B 93 -3.64 -19.91 -10.46
CA VAL B 93 -4.44 -20.90 -9.76
C VAL B 93 -3.75 -22.26 -9.61
N ILE B 94 -3.70 -22.75 -8.38
CA ILE B 94 -3.08 -24.03 -8.08
C ILE B 94 -4.12 -25.02 -7.56
N GLU B 95 -4.14 -26.22 -8.15
CA GLU B 95 -5.09 -27.25 -7.74
C GLU B 95 -4.48 -28.60 -7.36
N VAL B 96 -5.10 -29.23 -6.37
CA VAL B 96 -4.67 -30.53 -5.86
C VAL B 96 -5.93 -31.40 -5.69
N GLU B 97 -6.25 -32.19 -6.70
CA GLU B 97 -7.44 -33.06 -6.66
C GLU B 97 -7.15 -34.54 -6.49
N ASP B 98 -8.05 -35.21 -5.78
CA ASP B 98 -7.94 -36.64 -5.52
C ASP B 98 -9.33 -37.26 -5.66
N ASP B 99 -9.37 -38.57 -5.93
CA ASP B 99 -10.64 -39.28 -6.07
C ASP B 99 -10.85 -40.26 -4.91
N GLY B 100 -10.63 -39.78 -3.69
CA GLY B 100 -10.78 -40.62 -2.52
C GLY B 100 -12.18 -40.68 -1.94
N ARG B 101 -12.25 -40.86 -0.62
CA ARG B 101 -13.53 -40.95 0.08
C ARG B 101 -14.24 -39.60 0.16
N GLY B 102 -13.47 -38.52 0.08
CA GLY B 102 -14.06 -37.19 0.15
C GLY B 102 -14.29 -36.72 1.58
N ILE B 103 -14.61 -35.44 1.72
CA ILE B 103 -14.85 -34.85 3.04
C ILE B 103 -16.12 -35.45 3.65
N ASP B 104 -16.07 -35.74 4.95
CA ASP B 104 -17.23 -36.30 5.63
C ASP B 104 -18.13 -35.14 6.04
N LYS B 105 -19.02 -34.75 5.13
CA LYS B 105 -19.94 -33.63 5.34
C LYS B 105 -20.90 -33.82 6.51
N GLU B 106 -21.39 -35.04 6.70
CA GLU B 106 -22.31 -35.33 7.78
C GLU B 106 -21.59 -35.23 9.13
N LYS B 107 -20.29 -35.53 9.13
CA LYS B 107 -19.49 -35.46 10.34
C LYS B 107 -19.32 -34.00 10.78
N ILE B 108 -19.19 -33.12 9.80
CA ILE B 108 -19.05 -31.70 10.07
C ILE B 108 -20.35 -31.15 10.64
N ILE B 109 -21.45 -31.51 10.00
CA ILE B 109 -22.77 -31.07 10.45
C ILE B 109 -23.06 -31.51 11.88
N ARG B 110 -22.68 -32.75 12.20
CA ARG B 110 -22.89 -33.30 13.54
C ARG B 110 -22.01 -32.59 14.56
N LYS B 111 -20.80 -32.25 14.14
CA LYS B 111 -19.87 -31.53 15.03
C LYS B 111 -20.37 -30.12 15.27
N ALA B 112 -20.93 -29.50 14.23
CA ALA B 112 -21.46 -28.15 14.32
C ALA B 112 -22.62 -28.09 15.29
N ILE B 113 -23.49 -29.11 15.25
CA ILE B 113 -24.64 -29.18 16.14
C ILE B 113 -24.16 -29.39 17.58
N GLU B 114 -23.09 -30.17 17.72
CA GLU B 114 -22.52 -30.46 19.03
C GLU B 114 -21.84 -29.23 19.63
N LYS B 115 -21.22 -28.42 18.77
CA LYS B 115 -20.54 -27.20 19.22
C LYS B 115 -21.50 -26.04 19.36
N GLY B 116 -22.78 -26.29 19.07
CA GLY B 116 -23.80 -25.27 19.19
C GLY B 116 -23.83 -24.17 18.14
N LEU B 117 -23.15 -24.37 17.02
CA LEU B 117 -23.14 -23.37 15.96
C LEU B 117 -24.48 -23.32 15.22
N ILE B 118 -25.17 -24.46 15.21
CA ILE B 118 -26.48 -24.58 14.54
C ILE B 118 -27.28 -25.71 15.20
N ASP B 119 -28.58 -25.73 14.95
CA ASP B 119 -29.42 -26.79 15.51
C ASP B 119 -29.76 -27.78 14.41
N GLU B 120 -30.60 -28.78 14.71
CA GLU B 120 -30.98 -29.79 13.75
C GLU B 120 -31.74 -29.24 12.54
N SER B 121 -32.61 -28.25 12.77
CA SER B 121 -33.40 -27.65 11.70
C SER B 121 -32.60 -26.83 10.68
N LYS B 122 -31.58 -26.12 11.16
CA LYS B 122 -30.76 -25.30 10.29
C LYS B 122 -29.62 -26.06 9.61
N ALA B 123 -29.33 -27.25 10.10
CA ALA B 123 -28.27 -28.08 9.53
C ALA B 123 -28.77 -28.81 8.29
N ALA B 124 -30.09 -28.86 8.13
CA ALA B 124 -30.73 -29.52 6.99
C ALA B 124 -30.88 -28.62 5.76
N THR B 125 -30.80 -27.31 5.96
CA THR B 125 -30.95 -26.37 4.85
C THR B 125 -29.60 -25.73 4.47
N LEU B 126 -28.53 -26.19 5.12
CA LEU B 126 -27.19 -25.69 4.85
C LEU B 126 -26.65 -26.04 3.47
N SER B 127 -25.89 -25.11 2.90
CA SER B 127 -25.29 -25.31 1.59
C SER B 127 -24.03 -26.15 1.82
N ASP B 128 -23.40 -26.59 0.74
CA ASP B 128 -22.20 -27.41 0.85
C ASP B 128 -20.95 -26.62 1.27
N GLN B 129 -20.71 -25.48 0.60
CA GLN B 129 -19.55 -24.66 0.90
C GLN B 129 -19.66 -23.99 2.26
N GLU B 130 -20.87 -23.89 2.79
CA GLU B 130 -21.10 -23.27 4.08
C GLU B 130 -20.57 -24.13 5.22
N ILE B 131 -20.88 -25.43 5.15
CA ILE B 131 -20.43 -26.38 6.17
C ILE B 131 -19.05 -26.90 5.84
N LEU B 132 -18.75 -27.00 4.55
CA LEU B 132 -17.46 -27.49 4.10
C LEU B 132 -16.37 -26.45 4.38
N ASN B 133 -16.73 -25.17 4.26
CA ASN B 133 -15.79 -24.08 4.51
C ASN B 133 -15.51 -23.96 6.00
N PHE B 134 -16.30 -24.68 6.80
CA PHE B 134 -16.14 -24.67 8.25
C PHE B 134 -14.99 -25.61 8.61
N LEU B 135 -14.51 -26.35 7.62
CA LEU B 135 -13.41 -27.27 7.84
C LEU B 135 -12.17 -26.45 8.18
N PHE B 136 -12.23 -25.16 7.86
CA PHE B 136 -11.12 -24.25 8.12
C PHE B 136 -11.06 -23.70 9.55
N VAL B 137 -12.20 -23.25 10.08
CA VAL B 137 -12.20 -22.72 11.45
C VAL B 137 -11.51 -23.70 12.42
N PRO B 138 -10.34 -23.27 12.96
CA PRO B 138 -9.41 -23.92 13.89
C PRO B 138 -9.93 -24.65 15.13
N GLY B 139 -9.10 -25.56 15.65
CA GLY B 139 -9.46 -26.33 16.82
C GLY B 139 -10.36 -27.49 16.44
N PHE B 140 -10.80 -27.49 15.18
CA PHE B 140 -11.69 -28.52 14.65
C PHE B 140 -11.15 -29.94 14.81
N SER B 141 -10.44 -30.42 13.80
CA SER B 141 -9.86 -31.77 13.79
C SER B 141 -9.66 -32.34 15.20
N MET B 156 -5.61 -26.87 9.07
CA MET B 156 -6.23 -26.51 7.76
C MET B 156 -6.46 -25.01 7.65
N ASP B 157 -6.62 -24.34 8.78
CA ASP B 157 -6.83 -22.89 8.80
C ASP B 157 -5.56 -22.18 8.38
N VAL B 158 -4.42 -22.83 8.66
CA VAL B 158 -3.11 -22.28 8.32
C VAL B 158 -3.07 -21.88 6.84
N VAL B 159 -3.67 -22.71 6.00
CA VAL B 159 -3.71 -22.44 4.57
C VAL B 159 -4.61 -21.24 4.26
N LYS B 160 -5.80 -21.20 4.87
CA LYS B 160 -6.73 -20.11 4.63
C LYS B 160 -6.15 -18.77 5.09
N ASN B 161 -5.04 -18.82 5.80
CA ASN B 161 -4.38 -17.61 6.27
C ASN B 161 -3.11 -17.41 5.45
N VAL B 162 -2.20 -18.37 5.51
CA VAL B 162 -0.95 -18.28 4.76
C VAL B 162 -1.26 -17.79 3.35
N VAL B 163 -2.22 -18.43 2.68
CA VAL B 163 -2.56 -18.02 1.33
C VAL B 163 -3.07 -16.60 1.33
N GLU B 164 -3.78 -16.22 2.38
CA GLU B 164 -4.30 -14.87 2.44
C GLU B 164 -3.26 -13.83 2.87
N SER B 165 -2.08 -14.30 3.28
CA SER B 165 -1.04 -13.34 3.64
C SER B 165 -0.63 -12.87 2.25
N LEU B 166 -0.58 -13.85 1.33
CA LEU B 166 -0.24 -13.64 -0.07
C LEU B 166 -1.42 -12.97 -0.77
N ASN B 167 -2.44 -12.59 0.00
CA ASN B 167 -3.62 -11.94 -0.56
C ASN B 167 -4.39 -13.00 -1.37
N GLY B 168 -4.37 -14.24 -0.90
CA GLY B 168 -5.02 -15.32 -1.59
C GLY B 168 -6.38 -15.81 -1.14
N SER B 169 -6.72 -17.01 -1.60
CA SER B 169 -8.00 -17.63 -1.29
C SER B 169 -8.01 -19.10 -1.70
N ILE B 170 -8.91 -19.88 -1.09
CA ILE B 170 -9.03 -21.31 -1.38
C ILE B 170 -10.48 -21.78 -1.29
N SER B 171 -10.92 -22.51 -2.30
CA SER B 171 -12.28 -23.03 -2.36
C SER B 171 -12.26 -24.56 -2.39
N ILE B 172 -12.66 -25.19 -1.28
CA ILE B 172 -12.69 -26.64 -1.19
C ILE B 172 -14.01 -27.22 -1.70
N GLU B 173 -13.93 -28.05 -2.73
CA GLU B 173 -15.12 -28.70 -3.28
C GLU B 173 -14.97 -30.21 -3.13
N SER B 174 -16.00 -30.85 -2.61
CA SER B 174 -15.95 -32.30 -2.42
C SER B 174 -17.32 -32.93 -2.48
N GLU B 175 -17.35 -34.17 -2.95
CA GLU B 175 -18.60 -34.92 -3.06
C GLU B 175 -18.45 -36.23 -2.30
N LYS B 176 -19.56 -36.73 -1.78
CA LYS B 176 -19.57 -37.98 -1.03
C LYS B 176 -18.89 -39.13 -1.78
N ASP B 177 -17.73 -39.54 -1.29
CA ASP B 177 -16.99 -40.66 -1.86
C ASP B 177 -16.51 -40.48 -3.31
N LYS B 178 -16.45 -39.24 -3.79
CA LYS B 178 -16.01 -39.01 -5.16
C LYS B 178 -14.77 -38.12 -5.28
N GLY B 179 -14.11 -37.87 -4.15
CA GLY B 179 -12.92 -37.04 -4.17
C GLY B 179 -13.06 -35.64 -3.61
N THR B 180 -11.92 -35.00 -3.40
CA THR B 180 -11.86 -33.65 -2.86
C THR B 180 -10.96 -32.79 -3.76
N LYS B 181 -11.31 -31.52 -3.90
CA LYS B 181 -10.52 -30.60 -4.72
C LYS B 181 -10.20 -29.32 -3.96
N VAL B 182 -8.93 -29.13 -3.64
CA VAL B 182 -8.50 -27.93 -2.94
C VAL B 182 -7.86 -27.03 -3.98
N THR B 183 -8.34 -25.79 -4.06
CA THR B 183 -7.83 -24.84 -5.04
C THR B 183 -7.24 -23.61 -4.38
N ILE B 184 -6.05 -23.20 -4.82
CA ILE B 184 -5.39 -22.03 -4.26
C ILE B 184 -5.26 -20.93 -5.31
N ARG B 185 -5.78 -19.75 -4.97
CA ARG B 185 -5.75 -18.59 -5.86
C ARG B 185 -4.83 -17.50 -5.33
N LEU B 186 -3.70 -17.29 -6.01
CA LEU B 186 -2.73 -16.26 -5.63
C LEU B 186 -2.75 -15.07 -6.59
N PRO B 187 -2.04 -13.99 -6.23
CA PRO B 187 -1.97 -12.80 -7.07
C PRO B 187 -0.76 -13.13 -7.95
N LEU B 188 -0.81 -12.82 -9.22
CA LEU B 188 0.33 -13.17 -10.03
C LEU B 188 1.65 -12.61 -9.50
N THR B 189 1.59 -11.57 -8.66
CA THR B 189 2.80 -11.01 -8.07
C THR B 189 2.55 -10.53 -6.65
N LEU B 190 3.63 -10.25 -5.92
CA LEU B 190 3.50 -9.79 -4.55
C LEU B 190 2.57 -8.61 -4.54
N ALA B 191 1.56 -8.69 -3.67
CA ALA B 191 0.56 -7.67 -3.51
C ALA B 191 1.07 -6.64 -2.54
N ILE B 192 0.87 -5.37 -2.88
CA ILE B 192 1.31 -4.30 -2.01
C ILE B 192 0.15 -3.95 -1.11
N ILE B 193 0.46 -3.66 0.15
CA ILE B 193 -0.58 -3.31 1.08
C ILE B 193 -0.20 -2.04 1.82
N GLN B 194 -1.21 -1.32 2.25
CA GLN B 194 -1.08 -0.07 2.98
C GLN B 194 -1.04 -0.43 4.45
N ALA B 195 -0.07 0.13 5.16
CA ALA B 195 0.06 -0.19 6.57
C ALA B 195 0.36 0.98 7.49
N LEU B 196 -0.01 0.82 8.75
CA LEU B 196 0.23 1.85 9.73
C LEU B 196 1.56 1.53 10.34
N LEU B 197 2.49 2.46 10.31
CA LEU B 197 3.78 2.18 10.92
C LEU B 197 3.71 2.62 12.38
N VAL B 198 3.68 1.63 13.27
CA VAL B 198 3.60 1.85 14.70
C VAL B 198 4.96 1.59 15.33
N LYS B 199 5.30 2.32 16.38
CA LYS B 199 6.62 2.12 16.99
C LYS B 199 6.60 1.80 18.49
N VAL B 200 7.62 1.07 18.95
CA VAL B 200 7.74 0.69 20.35
C VAL B 200 9.21 0.62 20.73
N ASN B 201 9.74 1.65 21.38
CA ASN B 201 11.16 1.60 21.77
C ASN B 201 12.10 1.53 20.58
N ASN B 202 11.97 2.42 19.61
CA ASN B 202 12.85 2.38 18.47
C ASN B 202 12.72 1.09 17.69
N LEU B 203 11.60 0.40 17.85
CA LEU B 203 11.31 -0.84 17.11
C LEU B 203 10.06 -0.54 16.30
N VAL B 204 10.02 -1.01 15.06
CA VAL B 204 8.88 -0.72 14.22
C VAL B 204 8.04 -1.93 13.86
N TYR B 205 6.74 -1.76 13.97
CA TYR B 205 5.84 -2.83 13.60
C TYR B 205 4.88 -2.25 12.58
N ALA B 206 4.11 -3.09 11.92
CA ALA B 206 3.21 -2.54 10.93
C ALA B 206 1.89 -3.25 10.90
N ILE B 207 0.83 -2.49 11.16
CA ILE B 207 -0.50 -3.05 11.13
C ILE B 207 -1.17 -2.73 9.81
N PRO B 208 -1.67 -3.75 9.13
CA PRO B 208 -2.36 -3.55 7.87
C PRO B 208 -3.55 -2.63 8.11
N ILE B 209 -3.74 -1.63 7.25
CA ILE B 209 -4.87 -0.71 7.41
C ILE B 209 -6.23 -1.39 7.26
N ALA B 210 -6.32 -2.39 6.41
CA ALA B 210 -7.58 -3.08 6.22
C ALA B 210 -8.02 -3.72 7.53
N ASN B 211 -7.21 -3.57 8.55
CA ASN B 211 -7.55 -4.14 9.85
C ASN B 211 -7.81 -3.04 10.88
N ILE B 212 -7.35 -1.83 10.58
CA ILE B 212 -7.56 -0.72 11.49
C ILE B 212 -9.01 -0.29 11.40
N ASP B 213 -9.52 0.20 12.53
CA ASP B 213 -10.91 0.64 12.61
C ASP B 213 -10.95 2.07 13.09
N THR B 214 -9.93 2.47 13.83
CA THR B 214 -9.83 3.83 14.32
C THR B 214 -8.55 3.98 15.08
N ILE B 215 -8.30 5.19 15.58
CA ILE B 215 -7.09 5.41 16.34
C ILE B 215 -7.33 6.46 17.41
N LEU B 216 -7.80 6.01 18.57
CA LEU B 216 -8.11 6.88 19.70
C LEU B 216 -6.89 7.24 20.51
N SER B 217 -6.99 8.36 21.23
CA SER B 217 -5.90 8.79 22.08
C SER B 217 -6.44 8.61 23.50
N ILE B 218 -6.48 7.36 23.95
CA ILE B 218 -7.00 7.02 25.26
C ILE B 218 -5.97 7.35 26.32
N SER B 219 -6.42 7.66 27.53
CA SER B 219 -5.52 7.97 28.64
C SER B 219 -5.29 6.68 29.41
N LYS B 220 -4.63 6.75 30.56
CA LYS B 220 -4.42 5.50 31.29
C LYS B 220 -5.61 5.23 32.19
N GLU B 221 -6.29 6.30 32.58
CA GLU B 221 -7.46 6.22 33.43
C GLU B 221 -8.62 5.64 32.62
N ASP B 222 -8.41 5.44 31.32
CA ASP B 222 -9.46 4.87 30.50
C ASP B 222 -9.35 3.38 30.59
N ILE B 223 -8.13 2.89 30.74
CA ILE B 223 -7.94 1.47 30.85
C ILE B 223 -8.52 1.04 32.17
N GLN B 224 -9.44 0.07 32.15
CA GLN B 224 -9.97 -0.38 33.42
C GLN B 224 -9.94 -1.89 33.44
N ARG B 225 -9.45 -2.43 34.56
CA ARG B 225 -9.32 -3.86 34.75
C ARG B 225 -10.59 -4.56 35.22
N VAL B 226 -10.84 -5.71 34.62
CA VAL B 226 -11.96 -6.57 34.95
C VAL B 226 -11.25 -7.70 35.74
N GLN B 227 -11.48 -8.98 35.50
CA GLN B 227 -10.73 -9.91 36.31
C GLN B 227 -9.39 -10.14 35.64
N ASP B 228 -9.47 -10.58 34.38
CA ASP B 228 -8.30 -10.88 33.56
C ASP B 228 -7.73 -9.64 32.87
N ARG B 229 -8.19 -9.48 31.65
CA ARG B 229 -7.86 -8.44 30.71
C ARG B 229 -8.15 -7.04 31.25
N ASP B 230 -7.54 -6.06 30.59
CA ASP B 230 -7.77 -4.67 30.88
C ASP B 230 -8.72 -4.38 29.75
N VAL B 231 -9.57 -3.38 29.93
CA VAL B 231 -10.52 -3.04 28.87
C VAL B 231 -10.76 -1.56 28.93
N ILE B 232 -11.49 -1.09 27.92
CA ILE B 232 -11.93 0.29 27.82
C ILE B 232 -13.25 0.24 27.06
N VAL B 233 -14.16 1.10 27.47
CA VAL B 233 -15.47 1.18 26.84
C VAL B 233 -15.40 2.30 25.83
N ILE B 234 -15.81 2.01 24.60
CA ILE B 234 -15.81 3.00 23.53
C ILE B 234 -17.22 3.11 22.98
N ARG B 235 -17.95 4.13 23.42
CA ARG B 235 -19.33 4.35 22.98
C ARG B 235 -20.18 3.15 23.40
N GLY B 236 -20.20 2.86 24.70
CA GLY B 236 -20.97 1.74 25.21
C GLY B 236 -20.42 0.35 24.90
N GLU B 237 -19.78 0.22 23.76
CA GLU B 237 -19.18 -1.05 23.34
C GLU B 237 -18.00 -1.28 24.27
N VAL B 238 -17.91 -2.49 24.81
CA VAL B 238 -16.81 -2.83 25.70
C VAL B 238 -15.78 -3.49 24.81
N ILE B 239 -14.59 -2.89 24.77
CA ILE B 239 -13.54 -3.45 23.95
C ILE B 239 -12.24 -3.64 24.71
N PRO B 240 -11.70 -4.87 24.61
CA PRO B 240 -10.45 -5.28 25.26
C PRO B 240 -9.27 -4.56 24.68
N VAL B 241 -8.27 -4.26 25.49
CA VAL B 241 -7.09 -3.59 24.95
C VAL B 241 -5.81 -4.33 25.33
N TYR B 242 -4.76 -4.10 24.55
CA TYR B 242 -3.46 -4.71 24.78
C TYR B 242 -2.35 -3.68 24.58
N ARG B 243 -1.41 -3.63 25.51
CA ARG B 243 -0.30 -2.70 25.34
C ARG B 243 0.68 -3.51 24.51
N LEU B 244 0.91 -3.07 23.27
CA LEU B 244 1.80 -3.79 22.39
C LEU B 244 3.03 -4.35 23.07
N TRP B 245 3.70 -3.56 23.90
CA TRP B 245 4.89 -4.06 24.57
C TRP B 245 4.63 -5.26 25.44
N GLU B 246 3.47 -5.30 26.10
CA GLU B 246 3.15 -6.42 26.95
C GLU B 246 2.88 -7.66 26.10
N VAL B 247 2.37 -7.43 24.90
CA VAL B 247 2.04 -8.55 24.05
C VAL B 247 3.26 -9.16 23.45
N LEU B 248 4.32 -8.37 23.34
CA LEU B 248 5.56 -8.85 22.75
C LEU B 248 6.66 -9.02 23.79
N GLN B 249 6.34 -8.68 25.04
CA GLN B 249 7.31 -8.80 26.13
C GLN B 249 8.56 -8.00 25.78
N ILE B 250 8.48 -6.70 25.93
CA ILE B 250 9.62 -5.86 25.60
C ILE B 250 9.89 -4.96 26.78
N GLU B 251 11.14 -4.98 27.26
CA GLU B 251 11.52 -4.12 28.39
C GLU B 251 10.89 -2.76 28.11
N HIS B 252 10.08 -2.28 29.04
CA HIS B 252 9.42 -1.00 28.85
C HIS B 252 9.35 -0.30 30.20
N LYS B 253 9.48 1.02 30.21
CA LYS B 253 9.45 1.79 31.46
C LYS B 253 8.24 1.39 32.31
N GLU B 254 7.08 1.94 31.94
CA GLU B 254 5.82 1.65 32.62
C GLU B 254 4.73 2.11 31.66
N GLU B 255 4.60 3.43 31.51
CA GLU B 255 3.62 3.99 30.60
C GLU B 255 3.32 5.46 30.85
N LEU B 256 2.99 6.17 29.78
CA LEU B 256 2.66 7.58 29.86
C LEU B 256 1.22 7.71 30.31
N GLU B 257 0.76 8.94 30.47
CA GLU B 257 -0.61 9.17 30.90
C GLU B 257 -1.50 9.06 29.67
N GLU B 258 -1.17 9.87 28.66
CA GLU B 258 -1.92 9.88 27.41
C GLU B 258 -1.20 9.03 26.37
N MET B 259 -1.90 8.04 25.82
CA MET B 259 -1.32 7.17 24.82
C MET B 259 -2.26 6.97 23.64
N GLU B 260 -1.73 6.41 22.57
CA GLU B 260 -2.51 6.15 21.37
C GLU B 260 -2.89 4.68 21.31
N ALA B 261 -4.09 4.43 20.81
CA ALA B 261 -4.57 3.07 20.73
C ALA B 261 -5.21 2.81 19.39
N VAL B 262 -4.68 1.83 18.69
CA VAL B 262 -5.21 1.48 17.39
C VAL B 262 -6.24 0.40 17.55
N ILE B 263 -7.52 0.74 17.42
CA ILE B 263 -8.54 -0.29 17.54
C ILE B 263 -8.50 -1.05 16.23
N VAL B 264 -8.67 -2.35 16.27
CA VAL B 264 -8.58 -3.15 15.05
C VAL B 264 -9.54 -4.32 15.06
N ARG B 265 -10.37 -4.43 14.05
CA ARG B 265 -11.28 -5.56 14.03
C ARG B 265 -10.63 -6.71 13.32
N VAL B 266 -11.20 -7.89 13.53
CA VAL B 266 -10.72 -9.10 12.89
C VAL B 266 -11.93 -9.99 12.88
N GLY B 267 -11.89 -11.04 12.08
CA GLY B 267 -13.02 -11.95 11.99
C GLY B 267 -14.28 -11.27 12.50
N ASN B 268 -14.63 -11.56 13.75
CA ASN B 268 -15.81 -10.97 14.35
C ASN B 268 -15.45 -10.24 15.63
N ARG B 269 -14.15 -10.26 15.96
CA ARG B 269 -13.65 -9.60 17.16
C ARG B 269 -13.42 -8.12 16.87
N LYS B 270 -12.63 -7.47 17.71
CA LYS B 270 -12.33 -6.05 17.57
C LYS B 270 -11.67 -5.54 18.83
N TYR B 271 -10.35 -5.56 18.88
CA TYR B 271 -9.66 -5.08 20.07
C TYR B 271 -8.78 -3.84 19.88
N GLY B 272 -8.35 -3.24 20.98
CA GLY B 272 -7.50 -2.08 20.88
C GLY B 272 -6.05 -2.49 21.13
N ILE B 273 -5.09 -1.71 20.65
CA ILE B 273 -3.66 -2.00 20.85
C ILE B 273 -2.95 -0.71 21.18
N VAL B 274 -2.52 -0.57 22.42
CA VAL B 274 -1.83 0.65 22.81
C VAL B 274 -0.40 0.62 22.31
N VAL B 275 0.07 1.75 21.79
CA VAL B 275 1.44 1.81 21.28
C VAL B 275 2.14 3.06 21.78
N ASP B 276 3.44 3.14 21.57
CA ASP B 276 4.21 4.31 22.00
C ASP B 276 4.03 5.53 21.13
N ASP B 277 4.40 5.42 19.86
CA ASP B 277 4.29 6.53 18.92
C ASP B 277 3.58 6.08 17.67
N LEU B 278 3.47 6.99 16.71
CA LEU B 278 2.87 6.68 15.42
C LEU B 278 3.87 7.15 14.38
N LEU B 279 3.89 6.51 13.21
CA LEU B 279 4.84 6.89 12.19
C LEU B 279 4.19 7.06 10.84
N GLY B 280 2.88 6.99 10.82
CA GLY B 280 2.18 7.17 9.57
C GLY B 280 1.97 5.95 8.70
N GLN B 281 1.40 6.19 7.53
CA GLN B 281 1.12 5.14 6.56
C GLN B 281 2.34 4.87 5.69
N ASP B 282 2.22 3.82 4.88
CA ASP B 282 3.28 3.43 3.98
C ASP B 282 2.83 2.20 3.23
N ASP B 283 3.28 2.08 1.98
CA ASP B 283 2.96 0.92 1.16
C ASP B 283 4.11 -0.02 1.46
N ILE B 284 3.81 -1.30 1.66
CA ILE B 284 4.86 -2.29 1.89
C ILE B 284 4.37 -3.58 1.28
N VAL B 285 5.31 -4.53 1.15
CA VAL B 285 5.03 -5.86 0.62
C VAL B 285 5.55 -6.89 1.60
N ILE B 286 4.75 -7.93 1.81
CA ILE B 286 5.06 -9.00 2.75
C ILE B 286 6.21 -9.91 2.38
N LYS B 287 7.01 -10.26 3.36
CA LYS B 287 8.14 -11.17 3.16
C LYS B 287 8.10 -12.17 4.30
N SER B 288 8.04 -13.45 3.99
CA SER B 288 7.97 -14.47 5.03
C SER B 288 9.28 -14.53 5.79
N LEU B 289 9.20 -14.61 7.12
CA LEU B 289 10.44 -14.63 7.86
C LEU B 289 10.84 -16.04 8.27
N GLY B 290 11.54 -16.69 7.34
CA GLY B 290 12.07 -18.02 7.57
C GLY B 290 11.20 -19.18 8.01
N LYS B 291 11.83 -20.35 7.94
CA LYS B 291 11.24 -21.63 8.32
C LYS B 291 11.31 -21.65 9.83
N VAL B 292 12.30 -20.93 10.37
CA VAL B 292 12.54 -20.86 11.79
C VAL B 292 11.44 -20.20 12.60
N PHE B 293 10.94 -19.08 12.10
CA PHE B 293 9.92 -18.37 12.83
C PHE B 293 8.49 -18.90 12.77
N SER B 294 8.24 -19.93 11.98
CA SER B 294 6.90 -20.45 11.83
C SER B 294 6.04 -20.63 13.09
N GLU B 295 6.69 -20.79 14.24
CA GLU B 295 5.94 -20.95 15.49
C GLU B 295 5.24 -19.65 15.87
N VAL B 296 5.85 -18.54 15.47
CA VAL B 296 5.36 -17.20 15.77
C VAL B 296 4.06 -16.81 15.08
N LYS B 297 3.09 -16.44 15.88
CA LYS B 297 1.79 -16.02 15.37
C LYS B 297 1.66 -14.51 15.39
N GLU B 298 2.24 -13.89 16.41
CA GLU B 298 2.17 -12.45 16.59
C GLU B 298 2.54 -11.63 15.34
N PHE B 299 3.32 -12.22 14.45
CA PHE B 299 3.71 -11.51 13.22
C PHE B 299 3.38 -12.35 12.00
N SER B 300 2.82 -11.75 10.97
CA SER B 300 2.53 -12.52 9.77
C SER B 300 3.57 -12.31 8.66
N GLY B 301 4.64 -11.60 8.99
CA GLY B 301 5.71 -11.33 8.03
C GLY B 301 6.58 -10.14 8.39
N ALA B 302 7.54 -9.82 7.53
CA ALA B 302 8.40 -8.66 7.78
C ALA B 302 8.46 -7.83 6.52
N ALA B 303 9.06 -6.66 6.60
CA ALA B 303 9.19 -5.81 5.43
C ALA B 303 10.32 -4.82 5.65
N ILE B 304 10.98 -4.46 4.55
CA ILE B 304 12.10 -3.56 4.64
C ILE B 304 11.69 -2.21 4.08
N LEU B 305 11.63 -1.23 4.96
CA LEU B 305 11.22 0.09 4.56
C LEU B 305 12.32 0.67 3.68
N GLY B 306 11.96 1.58 2.78
CA GLY B 306 12.95 2.18 1.92
C GLY B 306 14.05 2.71 2.81
N ASP B 307 13.65 3.15 4.00
CA ASP B 307 14.56 3.67 5.00
C ASP B 307 15.77 2.74 5.09
N GLY B 308 15.58 1.49 4.67
CA GLY B 308 16.65 0.51 4.71
C GLY B 308 16.51 -0.40 5.92
N SER B 309 15.55 -0.07 6.80
CA SER B 309 15.30 -0.83 8.03
C SER B 309 14.13 -1.79 7.92
N ILE B 310 14.03 -2.67 8.92
CA ILE B 310 12.97 -3.65 8.95
C ILE B 310 11.86 -3.30 9.93
N ALA B 311 10.66 -3.74 9.59
CA ALA B 311 9.50 -3.51 10.42
C ALA B 311 8.77 -4.83 10.34
N LEU B 312 8.31 -5.34 11.48
CA LEU B 312 7.60 -6.59 11.48
C LEU B 312 6.10 -6.37 11.33
N ILE B 313 5.52 -7.04 10.36
CA ILE B 313 4.12 -6.90 10.11
C ILE B 313 3.26 -7.68 11.10
N ILE B 314 2.61 -6.95 12.01
CA ILE B 314 1.73 -7.55 13.02
C ILE B 314 0.65 -8.41 12.35
N ASN B 315 0.14 -9.39 13.07
CA ASN B 315 -0.93 -10.21 12.53
C ASN B 315 -2.10 -10.09 13.46
N VAL B 316 -3.01 -9.17 13.18
CA VAL B 316 -4.12 -8.95 14.10
C VAL B 316 -4.66 -10.26 14.64
N SER B 317 -5.04 -11.18 13.76
CA SER B 317 -5.58 -12.46 14.20
C SER B 317 -4.65 -13.29 15.09
N GLY B 318 -3.42 -12.82 15.28
CA GLY B 318 -2.48 -13.54 16.12
C GLY B 318 -2.50 -13.01 17.53
N ILE B 319 -2.01 -11.78 17.69
CA ILE B 319 -1.95 -11.08 18.97
C ILE B 319 -2.81 -11.66 20.07
N VAL B 320 -4.04 -12.00 19.68
CA VAL B 320 -5.10 -12.55 20.53
C VAL B 320 -5.94 -11.37 21.02
N LYS C 9 -11.30 51.51 -12.00
CA LYS C 9 -10.14 51.42 -12.95
C LYS C 9 -8.85 51.06 -12.24
N GLU C 10 -8.89 50.05 -11.37
CA GLU C 10 -7.69 49.63 -10.64
C GLU C 10 -7.39 48.13 -10.74
N PHE C 11 -6.16 47.86 -11.13
CA PHE C 11 -5.65 46.51 -11.31
C PHE C 11 -4.97 45.96 -10.08
N GLU C 12 -5.00 44.64 -9.96
CA GLU C 12 -4.31 43.94 -8.89
C GLU C 12 -3.66 42.83 -9.70
N VAL C 13 -2.45 42.44 -9.36
CA VAL C 13 -1.80 41.40 -10.15
C VAL C 13 -0.71 40.64 -9.39
N LEU C 14 -0.50 39.39 -9.76
CA LEU C 14 0.51 38.58 -9.13
C LEU C 14 1.73 38.75 -10.03
N SER C 15 2.86 39.15 -9.44
CA SER C 15 4.08 39.35 -10.22
C SER C 15 5.23 38.47 -9.74
N PHE C 16 6.01 37.98 -10.70
CA PHE C 16 7.13 37.08 -10.44
C PHE C 16 8.31 37.37 -11.33
N GLU C 17 9.33 36.51 -11.22
CA GLU C 17 10.56 36.66 -12.01
C GLU C 17 10.94 35.41 -12.80
N ILE C 18 11.93 35.58 -13.68
CA ILE C 18 12.49 34.53 -14.52
C ILE C 18 13.88 35.03 -14.90
N ASP C 19 14.86 34.72 -14.05
CA ASP C 19 16.23 35.14 -14.28
C ASP C 19 16.24 36.66 -14.41
N GLU C 20 15.66 37.32 -13.42
CA GLU C 20 15.60 38.78 -13.37
C GLU C 20 14.62 39.45 -14.35
N GLN C 21 13.84 38.66 -15.07
CA GLN C 21 12.86 39.21 -16.01
C GLN C 21 11.48 39.18 -15.34
N ALA C 22 10.95 40.34 -14.98
CA ALA C 22 9.65 40.41 -14.31
C ALA C 22 8.42 40.27 -15.23
N LEU C 23 7.39 39.60 -14.71
CA LEU C 23 6.15 39.40 -15.44
C LEU C 23 5.02 39.43 -14.44
N ALA C 24 3.80 39.15 -14.90
CA ALA C 24 2.67 39.14 -13.99
C ALA C 24 1.38 38.59 -14.61
N PHE C 25 0.56 37.93 -13.79
CA PHE C 25 -0.72 37.37 -14.23
C PHE C 25 -1.79 38.06 -13.41
N ASP C 26 -3.05 37.78 -13.72
CA ASP C 26 -4.15 38.37 -12.97
C ASP C 26 -4.59 37.45 -11.84
N VAL C 27 -4.60 37.99 -10.63
CA VAL C 27 -4.97 37.21 -9.46
C VAL C 27 -6.40 36.64 -9.59
N ASP C 28 -7.12 37.09 -10.61
CA ASP C 28 -8.48 36.63 -10.83
C ASP C 28 -8.55 35.10 -10.80
N ASN C 29 -7.59 34.46 -11.46
CA ASN C 29 -7.57 33.02 -11.55
C ASN C 29 -6.48 32.29 -10.78
N ILE C 30 -5.40 33.00 -10.44
CA ILE C 30 -4.32 32.41 -9.67
C ILE C 30 -4.95 31.66 -8.50
N GLU C 31 -4.75 30.34 -8.43
CA GLU C 31 -5.33 29.53 -7.34
C GLU C 31 -4.46 29.55 -6.10
N MET C 32 -3.15 29.34 -6.30
CA MET C 32 -2.15 29.37 -5.22
C MET C 32 -0.75 29.21 -5.80
N VAL C 33 0.27 29.39 -4.96
CA VAL C 33 1.66 29.25 -5.40
C VAL C 33 2.40 28.30 -4.46
N ILE C 34 2.63 27.08 -4.93
CA ILE C 34 3.29 26.08 -4.12
C ILE C 34 4.75 26.05 -4.41
N GLU C 35 5.53 25.70 -3.40
CA GLU C 35 6.98 25.61 -3.54
C GLU C 35 7.26 24.31 -4.27
N LYS C 36 7.85 24.41 -5.45
CA LYS C 36 8.20 23.24 -6.24
C LYS C 36 9.02 22.27 -5.41
N SER C 37 8.62 20.99 -5.44
CA SER C 37 9.33 19.97 -4.67
C SER C 37 9.84 18.86 -5.57
N ASP C 38 8.91 17.99 -5.96
CA ASP C 38 9.20 16.85 -6.82
C ASP C 38 8.22 17.01 -7.97
N ILE C 39 8.66 16.78 -9.19
CA ILE C 39 7.72 16.88 -10.30
C ILE C 39 7.79 15.66 -11.21
N THR C 40 7.03 14.61 -10.88
CA THR C 40 7.05 13.40 -11.72
C THR C 40 6.83 13.77 -13.18
N PRO C 41 7.82 13.43 -14.03
CA PRO C 41 7.83 13.69 -15.46
C PRO C 41 6.96 12.75 -16.25
N VAL C 42 6.36 13.27 -17.32
CA VAL C 42 5.51 12.47 -18.19
C VAL C 42 6.28 12.26 -19.50
N PRO C 43 6.87 11.07 -19.68
CA PRO C 43 7.63 10.76 -20.89
C PRO C 43 6.93 11.09 -22.20
N LYS C 44 7.74 11.18 -23.26
CA LYS C 44 7.29 11.46 -24.62
C LYS C 44 6.13 12.44 -24.59
N SER C 45 6.37 13.56 -23.92
CA SER C 45 5.38 14.61 -23.75
C SER C 45 5.88 15.94 -24.27
N ARG C 46 4.96 16.76 -24.76
CA ARG C 46 5.23 18.11 -25.29
C ARG C 46 6.23 18.82 -24.37
N HIS C 47 7.49 18.88 -24.75
CA HIS C 47 8.54 19.46 -23.90
C HIS C 47 8.34 20.78 -23.18
N PHE C 48 7.26 21.51 -23.42
CA PHE C 48 7.12 22.78 -22.69
C PHE C 48 6.42 22.58 -21.35
N VAL C 49 6.06 21.33 -21.08
CA VAL C 49 5.41 20.95 -19.84
C VAL C 49 6.45 20.17 -19.04
N GLU C 50 6.73 20.59 -17.82
CA GLU C 50 7.73 19.87 -17.06
C GLU C 50 7.19 18.61 -16.40
N GLY C 51 5.88 18.39 -16.50
CA GLY C 51 5.27 17.20 -15.93
C GLY C 51 4.01 17.39 -15.10
N VAL C 52 3.85 16.59 -14.05
CA VAL C 52 2.68 16.68 -13.18
C VAL C 52 3.05 16.48 -11.72
N ILE C 53 2.35 17.17 -10.83
CA ILE C 53 2.61 17.05 -9.41
C ILE C 53 1.30 16.59 -8.79
N ASN C 54 1.37 16.21 -7.52
CA ASN C 54 0.19 15.80 -6.77
C ASN C 54 -0.21 16.92 -5.82
N LEU C 55 -1.31 17.57 -6.12
CA LEU C 55 -1.78 18.65 -5.26
C LEU C 55 -3.01 18.14 -4.55
N ARG C 56 -2.97 18.13 -3.22
CA ARG C 56 -4.10 17.69 -2.44
C ARG C 56 -4.85 16.53 -3.11
N GLY C 57 -4.12 15.51 -3.54
CA GLY C 57 -4.74 14.34 -4.14
C GLY C 57 -5.21 14.40 -5.59
N ARG C 58 -5.01 15.53 -6.26
CA ARG C 58 -5.41 15.63 -7.66
C ARG C 58 -4.19 15.84 -8.52
N ILE C 59 -4.24 15.36 -9.75
CA ILE C 59 -3.08 15.48 -10.62
C ILE C 59 -3.05 16.75 -11.45
N ILE C 60 -2.03 17.55 -11.18
CA ILE C 60 -1.85 18.83 -11.87
C ILE C 60 -0.61 18.86 -12.75
N PRO C 61 -0.75 19.41 -13.97
CA PRO C 61 0.28 19.56 -14.98
C PRO C 61 1.12 20.80 -14.75
N VAL C 62 2.43 20.65 -14.65
CA VAL C 62 3.28 21.81 -14.43
C VAL C 62 4.06 22.21 -15.70
N VAL C 63 3.51 23.19 -16.42
CA VAL C 63 4.10 23.72 -17.65
C VAL C 63 5.21 24.70 -17.29
N ASN C 64 6.25 24.79 -18.13
CA ASN C 64 7.34 25.73 -17.85
C ASN C 64 7.16 27.04 -18.59
N LEU C 65 6.81 28.10 -17.86
CA LEU C 65 6.59 29.41 -18.46
C LEU C 65 7.78 29.93 -19.24
N ALA C 66 8.94 29.91 -18.59
CA ALA C 66 10.17 30.37 -19.21
C ALA C 66 10.34 29.79 -20.60
N LYS C 67 10.02 28.51 -20.74
CA LYS C 67 10.17 27.82 -22.01
C LYS C 67 8.99 28.06 -22.95
N ILE C 68 7.78 28.15 -22.41
CA ILE C 68 6.61 28.36 -23.26
C ILE C 68 6.70 29.71 -23.95
N LEU C 69 7.39 30.64 -23.30
CA LEU C 69 7.59 31.99 -23.82
C LEU C 69 8.83 32.02 -24.71
N GLY C 70 9.93 31.51 -24.16
CA GLY C 70 11.18 31.50 -24.88
C GLY C 70 12.02 32.61 -24.30
N ILE C 71 12.41 32.44 -23.04
CA ILE C 71 13.21 33.46 -22.38
C ILE C 71 14.31 32.87 -21.52
N SER C 72 14.84 33.70 -20.64
CA SER C 72 15.91 33.32 -19.73
C SER C 72 15.52 32.03 -19.01
N PHE C 73 16.17 30.93 -19.36
CA PHE C 73 15.82 29.65 -18.77
C PHE C 73 16.97 29.06 -17.97
N ASP C 74 16.66 28.61 -16.77
CA ASP C 74 17.63 27.97 -15.88
C ASP C 74 16.78 27.26 -14.84
N GLU C 75 17.03 25.97 -14.64
CA GLU C 75 16.22 25.19 -13.72
C GLU C 75 16.47 25.23 -12.22
N GLN C 76 17.71 25.06 -11.78
CA GLN C 76 18.00 25.08 -10.34
C GLN C 76 17.72 26.43 -9.66
N LYS C 77 16.94 27.27 -10.35
CA LYS C 77 16.57 28.59 -9.84
C LYS C 77 15.05 28.67 -9.64
N MET C 78 14.31 28.06 -10.57
CA MET C 78 12.85 28.04 -10.54
C MET C 78 12.32 27.21 -9.39
N LYS C 79 11.84 27.85 -8.33
CA LYS C 79 11.34 27.12 -7.19
C LYS C 79 9.87 27.39 -6.89
N SER C 80 9.18 28.04 -7.79
CA SER C 80 7.77 28.34 -7.55
C SER C 80 6.83 27.96 -8.69
N ILE C 81 5.72 27.34 -8.33
CA ILE C 81 4.73 26.94 -9.31
C ILE C 81 3.49 27.75 -9.02
N ILE C 82 2.92 28.34 -10.06
CA ILE C 82 1.72 29.14 -9.91
C ILE C 82 0.53 28.35 -10.42
N VAL C 83 -0.20 27.71 -9.53
CA VAL C 83 -1.37 26.96 -9.96
C VAL C 83 -2.46 27.94 -10.37
N ALA C 84 -3.14 27.64 -11.48
CA ALA C 84 -4.22 28.50 -11.94
C ALA C 84 -5.32 27.60 -12.48
N ARG C 85 -6.57 28.05 -12.40
CA ARG C 85 -7.69 27.26 -12.88
C ARG C 85 -8.60 28.09 -13.77
N THR C 86 -8.87 27.61 -14.99
CA THR C 86 -9.77 28.32 -15.90
C THR C 86 -11.12 27.65 -15.75
N LYS C 87 -12.00 27.80 -16.73
CA LYS C 87 -13.32 27.20 -16.66
C LYS C 87 -13.28 25.69 -16.40
N ASP C 88 -12.48 24.98 -17.18
CA ASP C 88 -12.39 23.52 -17.04
C ASP C 88 -10.95 23.05 -16.79
N VAL C 89 -9.98 23.85 -17.24
CA VAL C 89 -8.57 23.50 -17.12
C VAL C 89 -7.84 24.04 -15.90
N GLU C 90 -6.79 23.32 -15.48
CA GLU C 90 -5.97 23.69 -14.33
C GLU C 90 -4.50 23.42 -14.67
N VAL C 91 -3.65 24.40 -14.41
CA VAL C 91 -2.25 24.26 -14.74
C VAL C 91 -1.33 24.91 -13.74
N GLY C 92 -0.10 24.47 -13.75
CA GLY C 92 0.86 25.04 -12.84
C GLY C 92 1.98 25.61 -13.64
N PHE C 93 2.28 26.89 -13.45
CA PHE C 93 3.37 27.51 -14.18
C PHE C 93 4.56 27.55 -13.25
N LEU C 94 5.71 27.13 -13.76
CA LEU C 94 6.91 27.11 -12.96
C LEU C 94 7.71 28.37 -13.23
N VAL C 95 8.02 29.13 -12.18
CA VAL C 95 8.79 30.34 -12.36
C VAL C 95 9.83 30.42 -11.24
N ASP C 96 10.81 31.30 -11.39
CA ASP C 96 11.88 31.43 -10.41
C ASP C 96 11.42 31.73 -8.98
N ARG C 97 10.59 32.74 -8.84
CA ARG C 97 10.04 33.11 -7.54
C ARG C 97 8.98 34.18 -7.73
N VAL C 98 8.06 34.25 -6.79
CA VAL C 98 7.01 35.22 -6.88
C VAL C 98 7.23 36.35 -5.89
N LEU C 99 7.15 37.58 -6.37
CA LEU C 99 7.32 38.73 -5.51
C LEU C 99 6.00 38.88 -4.79
N GLY C 100 4.92 38.72 -5.55
CA GLY C 100 3.62 38.83 -4.94
C GLY C 100 2.64 39.70 -5.68
N VAL C 101 1.54 39.99 -5.01
CA VAL C 101 0.50 40.82 -5.58
C VAL C 101 1.01 42.24 -5.65
N LEU C 102 0.51 42.97 -6.64
CA LEU C 102 0.90 44.34 -6.89
C LEU C 102 -0.33 45.11 -7.33
N ARG C 103 -0.43 46.38 -6.94
CA ARG C 103 -1.58 47.22 -7.34
C ARG C 103 -1.17 48.14 -8.49
N ILE C 104 -1.61 47.80 -9.68
CA ILE C 104 -1.31 48.55 -10.88
C ILE C 104 -2.55 49.28 -11.33
N THR C 105 -2.40 50.27 -12.20
CA THR C 105 -3.57 51.01 -12.71
C THR C 105 -3.31 51.72 -14.03
N GLU C 106 -4.40 52.03 -14.74
CA GLU C 106 -4.37 52.70 -16.04
C GLU C 106 -3.14 53.58 -16.29
N ASN C 107 -2.88 54.53 -15.41
CA ASN C 107 -1.74 55.42 -15.56
C ASN C 107 -0.47 54.58 -15.70
N GLN C 108 -0.25 53.66 -14.78
CA GLN C 108 0.93 52.80 -14.81
C GLN C 108 0.90 51.81 -15.98
N LEU C 109 -0.28 51.36 -16.36
CA LEU C 109 -0.37 50.42 -17.47
C LEU C 109 -0.05 51.13 -18.77
N ASP C 110 0.97 50.62 -19.47
CA ASP C 110 1.39 51.18 -20.75
C ASP C 110 1.03 50.15 -21.81
N LEU C 111 0.90 50.59 -23.06
CA LEU C 111 0.54 49.68 -24.13
C LEU C 111 1.22 49.83 -25.49
N THR C 112 2.27 49.05 -25.70
CA THR C 112 2.94 49.02 -26.99
C THR C 112 2.87 47.51 -27.16
N ASN C 113 1.65 46.97 -27.23
CA ASN C 113 1.49 45.54 -27.36
C ASN C 113 2.11 45.00 -28.66
N VAL C 114 2.57 45.93 -29.50
CA VAL C 114 3.22 45.55 -30.76
C VAL C 114 4.73 45.62 -30.49
N SER C 115 5.10 46.02 -29.27
CA SER C 115 6.50 46.14 -28.86
C SER C 115 7.14 44.78 -28.52
N ASP C 116 6.50 44.04 -27.62
CA ASP C 116 7.01 42.74 -27.20
C ASP C 116 6.88 41.70 -28.32
N LYS C 117 7.87 40.82 -28.38
CA LYS C 117 7.92 39.78 -29.40
C LYS C 117 6.80 38.73 -29.34
N PHE C 118 6.45 38.27 -28.15
CA PHE C 118 5.37 37.29 -28.01
C PHE C 118 4.02 37.96 -28.21
N GLY C 119 3.43 37.73 -29.37
CA GLY C 119 2.17 38.32 -29.74
C GLY C 119 1.11 38.58 -28.68
N LYS C 120 0.00 37.87 -28.81
CA LYS C 120 -1.13 38.01 -27.89
C LYS C 120 -0.84 37.30 -26.58
N LYS C 121 0.12 36.39 -26.62
CA LYS C 121 0.49 35.62 -25.44
C LYS C 121 0.62 36.56 -24.24
N SER C 122 0.98 37.81 -24.50
CA SER C 122 1.13 38.80 -23.44
C SER C 122 0.43 40.11 -23.80
N LYS C 123 -0.40 40.61 -22.89
CA LYS C 123 -1.08 41.86 -23.12
C LYS C 123 0.01 42.92 -23.12
N GLY C 124 -0.39 44.18 -22.96
CA GLY C 124 0.59 45.24 -22.97
C GLY C 124 1.69 45.07 -21.95
N LEU C 125 2.77 45.82 -22.14
CA LEU C 125 3.92 45.79 -21.24
C LEU C 125 3.79 47.00 -20.34
N VAL C 126 3.55 46.77 -19.05
CA VAL C 126 3.42 47.88 -18.11
C VAL C 126 4.67 48.07 -17.26
N LYS C 127 4.83 49.26 -16.70
CA LYS C 127 5.99 49.55 -15.88
C LYS C 127 5.62 50.28 -14.60
N THR C 128 6.50 50.19 -13.62
CA THR C 128 6.32 50.82 -12.33
C THR C 128 7.74 51.01 -11.80
N ASP C 129 8.00 52.16 -11.20
CA ASP C 129 9.32 52.48 -10.65
C ASP C 129 10.43 52.10 -11.64
N GLY C 130 10.13 52.21 -12.93
CA GLY C 130 11.10 51.88 -13.96
C GLY C 130 11.43 50.40 -13.99
N ARG C 131 10.47 49.58 -14.42
CA ARG C 131 10.65 48.13 -14.51
C ARG C 131 10.06 47.55 -15.80
N LEU C 132 10.54 46.36 -16.15
CA LEU C 132 10.11 45.67 -17.37
C LEU C 132 8.98 44.66 -17.10
N ILE C 133 7.98 45.05 -16.30
CA ILE C 133 6.89 44.13 -15.98
C ILE C 133 5.96 43.82 -17.15
N ILE C 134 6.11 42.63 -17.74
CA ILE C 134 5.24 42.24 -18.85
C ILE C 134 3.96 41.69 -18.28
N TYR C 135 2.84 42.18 -18.78
CA TYR C 135 1.51 41.77 -18.32
C TYR C 135 0.97 40.64 -19.22
N LEU C 136 1.34 39.39 -18.87
CA LEU C 136 0.92 38.21 -19.62
C LEU C 136 -0.58 37.98 -19.48
N ASP C 137 -1.16 37.32 -20.49
CA ASP C 137 -2.60 37.00 -20.48
C ASP C 137 -2.75 35.51 -20.21
N ILE C 138 -3.02 35.17 -18.95
CA ILE C 138 -3.20 33.79 -18.54
C ILE C 138 -4.28 33.09 -19.35
N ASP C 139 -5.54 33.38 -19.04
CA ASP C 139 -6.65 32.75 -19.74
C ASP C 139 -6.38 32.51 -21.21
N LYS C 140 -5.46 33.28 -21.79
CA LYS C 140 -5.12 33.10 -23.19
C LYS C 140 -4.00 32.12 -23.32
N ILE C 141 -2.88 32.40 -22.67
CA ILE C 141 -1.73 31.52 -22.73
C ILE C 141 -2.11 30.09 -22.33
N ILE C 142 -2.98 29.93 -21.34
CA ILE C 142 -3.42 28.59 -20.95
C ILE C 142 -4.14 27.96 -22.14
N GLU C 143 -5.04 28.75 -22.76
CA GLU C 143 -5.80 28.27 -23.92
C GLU C 143 -4.85 27.92 -25.06
N GLU C 144 -3.66 28.52 -25.06
CA GLU C 144 -2.69 28.21 -26.09
C GLU C 144 -2.17 26.81 -25.81
N ILE C 145 -2.11 26.43 -24.55
CA ILE C 145 -1.62 25.13 -24.14
C ILE C 145 -2.65 24.00 -24.26
N THR C 146 -3.85 24.24 -23.76
CA THR C 146 -4.89 23.22 -23.83
C THR C 146 -5.08 22.74 -25.27
N VAL C 147 -5.80 23.52 -26.07
CA VAL C 147 -6.05 23.19 -27.47
C VAL C 147 -4.81 22.68 -28.20
N LEU D 8 40.33 -40.01 6.16
CA LEU D 8 40.57 -40.95 5.02
C LEU D 8 41.21 -40.18 3.87
N LYS D 9 40.73 -38.96 3.64
CA LYS D 9 41.26 -38.13 2.57
C LYS D 9 41.71 -36.75 3.02
N GLU D 10 41.14 -35.71 2.42
CA GLU D 10 41.55 -34.33 2.73
C GLU D 10 40.46 -33.29 2.40
N PHE D 11 39.93 -32.61 3.43
CA PHE D 11 38.87 -31.61 3.22
C PHE D 11 39.04 -30.26 3.92
N GLU D 12 38.50 -29.19 3.32
CA GLU D 12 38.59 -27.84 3.89
C GLU D 12 37.45 -27.54 4.85
N VAL D 13 37.72 -26.68 5.82
CA VAL D 13 36.70 -26.33 6.80
C VAL D 13 36.82 -24.88 7.25
N LEU D 14 35.73 -24.29 7.74
CA LEU D 14 35.75 -22.89 8.21
C LEU D 14 35.92 -22.84 9.71
N SER D 15 36.98 -22.17 10.16
CA SER D 15 37.27 -22.10 11.59
C SER D 15 36.92 -20.77 12.24
N PHE D 16 36.13 -20.84 13.31
CA PHE D 16 35.75 -19.66 14.06
C PHE D 16 35.87 -19.99 15.53
N GLU D 17 35.84 -18.94 16.36
CA GLU D 17 35.95 -19.04 17.81
C GLU D 17 34.75 -18.45 18.51
N ILE D 18 34.48 -18.97 19.70
CA ILE D 18 33.39 -18.47 20.52
C ILE D 18 33.79 -18.54 21.99
N ASP D 19 34.33 -17.45 22.52
CA ASP D 19 34.66 -17.47 23.93
C ASP D 19 35.72 -18.53 24.23
N GLU D 20 36.89 -18.39 23.64
CA GLU D 20 37.98 -19.34 23.89
C GLU D 20 37.94 -20.74 23.30
N GLN D 21 36.82 -21.15 22.71
CA GLN D 21 36.88 -22.47 22.11
C GLN D 21 36.43 -22.46 20.66
N ALA D 22 37.37 -22.85 19.80
CA ALA D 22 37.20 -22.89 18.37
C ALA D 22 36.41 -24.09 17.87
N LEU D 23 35.54 -23.80 16.90
CA LEU D 23 34.73 -24.82 16.29
C LEU D 23 34.86 -24.52 14.80
N ALA D 24 34.31 -25.40 13.97
CA ALA D 24 34.38 -25.20 12.54
C ALA D 24 33.19 -25.83 11.84
N PHE D 25 32.76 -25.18 10.76
CA PHE D 25 31.64 -25.64 9.94
C PHE D 25 32.16 -26.15 8.62
N ASP D 26 31.37 -27.03 8.01
CA ASP D 26 31.71 -27.56 6.70
C ASP D 26 31.50 -26.42 5.71
N VAL D 27 32.60 -25.97 5.13
CA VAL D 27 32.62 -24.88 4.16
C VAL D 27 31.58 -25.04 3.08
N ASP D 28 31.49 -26.25 2.56
CA ASP D 28 30.56 -26.61 1.50
C ASP D 28 29.23 -25.81 1.46
N ASN D 29 28.69 -25.43 2.61
CA ASN D 29 27.41 -24.73 2.62
C ASN D 29 27.38 -23.30 3.16
N ILE D 30 28.53 -22.71 3.39
CA ILE D 30 28.61 -21.34 3.90
C ILE D 30 28.28 -20.35 2.77
N GLU D 31 27.69 -19.20 3.11
CA GLU D 31 27.38 -18.20 2.11
C GLU D 31 28.34 -17.04 2.23
N MET D 32 28.66 -16.62 3.45
CA MET D 32 29.61 -15.53 3.69
C MET D 32 29.66 -15.12 5.16
N VAL D 33 30.63 -14.27 5.51
CA VAL D 33 30.77 -13.80 6.89
C VAL D 33 30.64 -12.28 7.03
N ILE D 34 29.42 -11.81 7.23
CA ILE D 34 29.14 -10.38 7.38
C ILE D 34 29.39 -9.93 8.81
N GLU D 35 29.79 -8.66 8.95
CA GLU D 35 30.07 -8.08 10.26
C GLU D 35 28.75 -7.79 10.96
N LYS D 36 28.65 -8.15 12.24
CA LYS D 36 27.41 -7.92 12.96
C LYS D 36 27.10 -6.44 13.05
N SER D 37 25.96 -6.07 12.51
CA SER D 37 25.52 -4.68 12.53
C SER D 37 24.35 -4.58 13.49
N ASP D 38 23.20 -4.13 12.97
CA ASP D 38 22.01 -4.01 13.80
C ASP D 38 21.09 -5.18 13.50
N ILE D 39 20.56 -5.81 14.54
CA ILE D 39 19.66 -6.92 14.32
C ILE D 39 18.27 -6.67 14.88
N THR D 40 17.30 -6.34 14.03
CA THR D 40 15.96 -6.13 14.54
C THR D 40 15.46 -7.50 14.99
N PRO D 41 15.15 -7.65 16.28
CA PRO D 41 14.68 -8.93 16.83
C PRO D 41 13.20 -9.18 16.63
N VAL D 42 12.77 -10.43 16.61
CA VAL D 42 11.35 -10.72 16.51
C VAL D 42 10.97 -11.22 17.89
N PRO D 43 10.07 -10.51 18.59
CA PRO D 43 9.70 -10.97 19.92
C PRO D 43 9.06 -12.34 19.97
N LYS D 44 9.14 -12.94 21.16
CA LYS D 44 8.64 -14.28 21.46
C LYS D 44 8.85 -15.24 20.31
N SER D 45 10.12 -15.56 20.11
CA SER D 45 10.59 -16.47 19.09
C SER D 45 11.63 -17.25 19.87
N ARG D 46 11.76 -18.55 19.61
CA ARG D 46 12.74 -19.36 20.34
C ARG D 46 13.90 -18.50 20.88
N HIS D 47 14.20 -18.65 22.17
CA HIS D 47 15.25 -17.86 22.81
C HIS D 47 16.65 -17.81 22.19
N PHE D 48 16.96 -18.75 21.31
CA PHE D 48 18.27 -18.80 20.68
C PHE D 48 18.33 -18.04 19.38
N VAL D 49 17.25 -17.34 19.06
CA VAL D 49 17.17 -16.58 17.83
C VAL D 49 17.45 -15.10 18.00
N GLU D 50 18.72 -14.73 18.05
CA GLU D 50 19.12 -13.35 18.21
C GLU D 50 18.27 -12.34 17.40
N GLY D 51 17.65 -12.78 16.31
CA GLY D 51 16.83 -11.86 15.53
C GLY D 51 17.02 -11.98 14.04
N VAL D 52 16.53 -11.00 13.26
CA VAL D 52 16.72 -11.05 11.81
C VAL D 52 17.55 -9.87 11.32
N ILE D 53 18.14 -10.01 10.15
CA ILE D 53 18.96 -8.95 9.59
C ILE D 53 18.69 -8.87 8.12
N ASN D 54 19.22 -7.82 7.51
CA ASN D 54 19.04 -7.59 6.09
C ASN D 54 20.29 -7.93 5.28
N LEU D 55 20.12 -8.83 4.31
CA LEU D 55 21.22 -9.20 3.42
C LEU D 55 20.74 -8.80 2.04
N ARG D 56 21.05 -7.56 1.69
CA ARG D 56 20.64 -6.97 0.44
C ARG D 56 19.27 -7.47 -0.04
N GLY D 57 18.23 -6.87 0.53
CA GLY D 57 16.87 -7.17 0.15
C GLY D 57 16.17 -8.45 0.59
N ARG D 58 16.79 -9.21 1.48
CA ARG D 58 16.17 -10.45 1.94
C ARG D 58 16.34 -10.52 3.44
N ILE D 59 15.26 -10.77 4.17
CA ILE D 59 15.36 -10.87 5.62
C ILE D 59 15.81 -12.27 5.97
N ILE D 60 16.96 -12.35 6.63
CA ILE D 60 17.47 -13.63 7.05
C ILE D 60 17.55 -13.60 8.55
N PRO D 61 17.32 -14.75 9.20
CA PRO D 61 17.36 -14.86 10.66
C PRO D 61 18.77 -15.13 11.13
N VAL D 62 19.15 -14.54 12.24
CA VAL D 62 20.46 -14.86 12.74
C VAL D 62 20.25 -15.54 14.08
N VAL D 63 20.78 -16.75 14.21
CA VAL D 63 20.65 -17.52 15.41
C VAL D 63 21.91 -17.26 16.22
N ASN D 64 21.89 -17.65 17.50
CA ASN D 64 23.05 -17.51 18.37
C ASN D 64 23.59 -18.93 18.58
N LEU D 65 24.77 -19.19 18.04
CA LEU D 65 25.38 -20.52 18.14
C LEU D 65 25.66 -20.91 19.57
N ALA D 66 26.17 -19.97 20.34
CA ALA D 66 26.44 -20.26 21.75
C ALA D 66 25.14 -20.83 22.30
N LYS D 67 24.18 -19.93 22.59
CA LYS D 67 22.89 -20.30 23.12
C LYS D 67 22.33 -21.59 22.50
N ILE D 68 22.65 -21.80 21.23
CA ILE D 68 22.14 -22.96 20.52
C ILE D 68 22.91 -24.23 20.88
N LEU D 69 24.16 -24.07 21.31
CA LEU D 69 24.99 -25.22 21.69
C LEU D 69 24.94 -25.45 23.21
N GLY D 70 24.96 -24.35 23.96
CA GLY D 70 24.93 -24.44 25.41
C GLY D 70 26.35 -24.31 25.90
N ILE D 71 27.01 -23.22 25.50
CA ILE D 71 28.40 -22.99 25.88
C ILE D 71 28.60 -21.56 26.35
N SER D 72 29.83 -21.27 26.76
CA SER D 72 30.18 -19.93 27.22
C SER D 72 29.65 -19.00 26.15
N PHE D 73 29.06 -17.90 26.56
CA PHE D 73 28.45 -16.97 25.63
C PHE D 73 28.66 -15.56 26.16
N ASP D 74 28.56 -14.53 25.31
CA ASP D 74 28.73 -13.16 25.80
C ASP D 74 28.49 -12.06 24.78
N GLU D 75 27.22 -11.83 24.48
CA GLU D 75 26.76 -10.83 23.52
C GLU D 75 27.73 -9.70 23.17
N GLN D 76 28.34 -9.08 24.17
CA GLN D 76 29.26 -7.97 23.91
C GLN D 76 30.42 -8.30 22.98
N LYS D 77 30.82 -9.57 22.97
CA LYS D 77 31.95 -10.02 22.15
C LYS D 77 31.62 -10.54 20.75
N MET D 78 30.45 -11.14 20.58
CA MET D 78 30.05 -11.66 19.27
C MET D 78 29.97 -10.55 18.24
N LYS D 79 30.79 -10.65 17.19
CA LYS D 79 30.81 -9.61 16.17
C LYS D 79 30.69 -10.10 14.73
N SER D 80 30.70 -11.41 14.52
CA SER D 80 30.59 -11.93 13.15
C SER D 80 29.42 -12.87 12.90
N ILE D 81 28.79 -12.72 11.73
CA ILE D 81 27.68 -13.59 11.39
C ILE D 81 28.03 -14.51 10.23
N ILE D 82 27.86 -15.81 10.45
CA ILE D 82 28.15 -16.81 9.43
C ILE D 82 26.87 -17.23 8.71
N VAL D 83 26.58 -16.59 7.59
CA VAL D 83 25.38 -16.91 6.83
C VAL D 83 25.59 -18.17 6.04
N ALA D 84 24.59 -19.04 6.01
CA ALA D 84 24.70 -20.27 5.26
C ALA D 84 23.37 -20.56 4.59
N ARG D 85 23.40 -20.92 3.31
CA ARG D 85 22.20 -21.24 2.57
C ARG D 85 22.10 -22.76 2.46
N THR D 86 20.93 -23.27 2.09
CA THR D 86 20.77 -24.71 1.96
C THR D 86 19.56 -24.94 1.05
N LYS D 87 18.77 -25.97 1.31
CA LYS D 87 17.58 -26.23 0.51
C LYS D 87 16.63 -25.07 0.76
N ASP D 88 17.10 -23.89 0.34
CA ASP D 88 16.40 -22.62 0.50
C ASP D 88 16.02 -22.36 1.95
N VAL D 89 17.04 -22.16 2.78
CA VAL D 89 16.86 -21.90 4.20
C VAL D 89 18.05 -21.13 4.75
N GLU D 90 18.33 -19.97 4.18
CA GLU D 90 19.44 -19.14 4.62
C GLU D 90 19.38 -18.86 6.10
N VAL D 91 20.49 -19.02 6.78
CA VAL D 91 20.54 -18.77 8.20
C VAL D 91 21.91 -18.28 8.57
N GLY D 92 21.96 -17.23 9.37
CA GLY D 92 23.25 -16.71 9.79
C GLY D 92 23.49 -17.16 11.23
N PHE D 93 24.75 -17.37 11.56
CA PHE D 93 25.08 -17.77 12.91
C PHE D 93 25.99 -16.69 13.49
N LEU D 94 25.70 -16.26 14.71
CA LEU D 94 26.50 -15.24 15.35
C LEU D 94 27.54 -15.94 16.22
N VAL D 95 28.79 -15.51 16.08
CA VAL D 95 29.90 -16.07 16.83
C VAL D 95 30.90 -14.95 17.06
N ASP D 96 31.79 -15.15 18.03
CA ASP D 96 32.78 -14.12 18.37
C ASP D 96 33.60 -13.60 17.20
N ARG D 97 34.19 -14.51 16.44
CA ARG D 97 35.01 -14.14 15.29
C ARG D 97 35.32 -15.34 14.41
N VAL D 98 35.78 -15.05 13.19
CA VAL D 98 36.12 -16.12 12.28
C VAL D 98 37.62 -16.04 12.01
N LEU D 99 38.29 -17.19 12.11
CA LEU D 99 39.71 -17.26 11.88
C LEU D 99 39.96 -17.40 10.39
N GLY D 100 39.37 -18.42 9.78
CA GLY D 100 39.55 -18.64 8.36
C GLY D 100 39.27 -20.08 8.03
N VAL D 101 39.77 -20.56 6.89
CA VAL D 101 39.55 -21.95 6.53
C VAL D 101 40.76 -22.80 6.81
N LEU D 102 40.49 -24.01 7.28
CA LEU D 102 41.53 -24.96 7.65
C LEU D 102 41.53 -26.18 6.77
N ARG D 103 42.71 -26.76 6.61
CA ARG D 103 42.89 -27.98 5.84
C ARG D 103 42.91 -29.09 6.89
N ILE D 104 41.80 -29.80 7.07
CA ILE D 104 41.78 -30.88 8.05
C ILE D 104 42.04 -32.18 7.29
N THR D 105 42.03 -33.32 7.99
CA THR D 105 42.27 -34.59 7.32
C THR D 105 42.15 -35.82 8.22
N GLU D 106 42.32 -37.00 7.63
CA GLU D 106 42.25 -38.26 8.35
C GLU D 106 42.98 -38.13 9.66
N ASN D 107 44.25 -37.73 9.56
CA ASN D 107 45.06 -37.55 10.75
C ASN D 107 44.23 -36.68 11.68
N GLN D 108 44.29 -35.37 11.49
CA GLN D 108 43.54 -34.45 12.32
C GLN D 108 42.16 -34.95 12.72
N LEU D 109 41.42 -35.55 11.79
CA LEU D 109 40.09 -36.04 12.12
C LEU D 109 40.19 -37.01 13.28
N ASP D 110 39.33 -36.80 14.27
CA ASP D 110 39.31 -37.67 15.44
C ASP D 110 37.86 -37.91 15.79
N LEU D 111 37.53 -39.16 16.08
CA LEU D 111 36.16 -39.49 16.42
C LEU D 111 35.92 -40.52 17.49
N THR D 112 34.95 -40.17 18.31
CA THR D 112 34.41 -40.90 19.45
C THR D 112 33.42 -39.80 19.75
N ASN D 113 32.13 -40.04 19.52
CA ASN D 113 31.19 -38.96 19.78
C ASN D 113 30.44 -39.11 21.10
N VAL D 114 30.77 -40.14 21.86
CA VAL D 114 30.16 -40.29 23.18
C VAL D 114 31.08 -39.41 24.03
N SER D 115 32.06 -38.83 23.34
CA SER D 115 33.04 -37.94 23.94
C SER D 115 32.51 -36.50 23.86
N ASP D 116 31.52 -36.28 23.00
CA ASP D 116 30.90 -34.96 22.84
C ASP D 116 29.55 -34.94 23.55
N LYS D 117 29.24 -33.80 24.18
CA LYS D 117 28.00 -33.63 24.93
C LYS D 117 26.82 -33.18 24.07
N PHE D 118 27.07 -32.30 23.10
CA PHE D 118 26.00 -31.85 22.23
C PHE D 118 25.81 -32.79 21.06
N GLY D 119 24.89 -33.73 21.25
CA GLY D 119 24.55 -34.77 20.28
C GLY D 119 25.03 -34.77 18.84
N LYS D 120 24.13 -35.15 17.95
CA LYS D 120 24.43 -35.20 16.53
C LYS D 120 24.99 -33.86 16.07
N LYS D 121 24.77 -32.85 16.90
CA LYS D 121 25.23 -31.49 16.63
C LYS D 121 26.65 -31.45 16.04
N SER D 122 27.58 -32.15 16.68
CA SER D 122 28.98 -32.18 16.24
C SER D 122 29.42 -33.46 15.54
N LYS D 123 30.16 -33.30 14.44
CA LYS D 123 30.68 -34.42 13.66
C LYS D 123 31.79 -35.10 14.44
N GLY D 124 32.64 -34.30 15.07
CA GLY D 124 33.74 -34.85 15.84
C GLY D 124 34.68 -33.84 16.44
N LEU D 125 35.88 -34.28 16.81
CA LEU D 125 36.88 -33.42 17.43
C LEU D 125 38.13 -33.34 16.57
N VAL D 126 38.38 -32.19 15.97
CA VAL D 126 39.57 -32.04 15.12
C VAL D 126 40.76 -31.60 15.95
N LYS D 127 41.90 -32.23 15.74
CA LYS D 127 43.11 -31.89 16.47
C LYS D 127 44.22 -31.60 15.46
N THR D 128 44.43 -30.33 15.14
CA THR D 128 45.46 -29.93 14.18
C THR D 128 46.63 -29.21 14.87
N ASP D 129 47.73 -29.96 15.04
CA ASP D 129 48.96 -29.50 15.70
C ASP D 129 48.71 -28.78 17.02
N GLY D 130 48.22 -29.54 18.00
CA GLY D 130 47.95 -28.97 19.31
C GLY D 130 46.53 -28.50 19.51
N ARG D 131 46.24 -27.27 19.07
CA ARG D 131 44.91 -26.69 19.20
C ARG D 131 43.77 -27.68 19.02
N LEU D 132 42.80 -27.59 19.92
CA LEU D 132 41.63 -28.47 19.91
C LEU D 132 40.53 -27.74 19.17
N ILE D 133 39.82 -28.45 18.28
CA ILE D 133 38.72 -27.83 17.52
C ILE D 133 37.47 -28.71 17.46
N ILE D 134 36.31 -28.11 17.73
CA ILE D 134 35.07 -28.87 17.67
C ILE D 134 34.57 -28.81 16.25
N TYR D 135 34.22 -29.98 15.71
CA TYR D 135 33.76 -30.09 14.35
C TYR D 135 32.27 -30.42 14.35
N LEU D 136 31.42 -29.40 14.38
CA LEU D 136 29.97 -29.63 14.40
C LEU D 136 29.35 -29.74 13.02
N ASP D 137 28.29 -30.54 12.92
CA ASP D 137 27.59 -30.75 11.66
C ASP D 137 26.53 -29.70 11.48
N ILE D 138 26.88 -28.64 10.77
CA ILE D 138 25.94 -27.56 10.56
C ILE D 138 24.71 -28.07 9.84
N ASP D 139 24.93 -28.85 8.79
CA ASP D 139 23.81 -29.35 8.02
C ASP D 139 22.70 -29.88 8.91
N LYS D 140 23.05 -30.41 10.08
CA LYS D 140 22.04 -30.94 10.98
C LYS D 140 21.61 -29.95 12.04
N ILE D 141 22.53 -29.12 12.51
CA ILE D 141 22.11 -28.15 13.52
C ILE D 141 21.13 -27.18 12.86
N ILE D 142 21.08 -27.20 11.54
CA ILE D 142 20.13 -26.36 10.81
C ILE D 142 18.83 -27.15 10.93
N GLU D 143 18.92 -28.43 10.62
CA GLU D 143 17.77 -29.33 10.71
C GLU D 143 17.16 -29.21 12.10
N GLU D 144 17.99 -28.95 13.08
CA GLU D 144 17.52 -28.82 14.45
C GLU D 144 16.69 -27.56 14.64
N ILE D 145 16.53 -26.77 13.59
CA ILE D 145 15.74 -25.54 13.68
C ILE D 145 14.64 -25.46 12.62
N THR D 146 15.01 -25.55 11.36
CA THR D 146 14.05 -25.49 10.27
C THR D 146 12.82 -26.40 10.45
N VAL D 147 12.91 -27.41 11.30
CA VAL D 147 11.78 -28.31 11.51
C VAL D 147 10.95 -28.02 12.77
#